data_1P9S
#
_entry.id   1P9S
#
_cell.length_a   53.356
_cell.length_b   76.240
_cell.length_c   73.477
_cell.angle_alpha   90.00
_cell.angle_beta   103.70
_cell.angle_gamma   90.00
#
_symmetry.space_group_name_H-M   'P 1 21 1'
#
loop_
_entity.id
_entity.type
_entity.pdbx_description
1 polymer 'Replicase polyprotein 1ab'
2 non-polymer '1,4-DIETHYLENE DIOXIDE'
3 water water
#
_entity_poly.entity_id   1
_entity_poly.type   'polypeptide(L)'
_entity_poly.pdbx_seq_one_letter_code
;AGLRK(MSE)AQPSGFVEKCVVRVCYGNTVLNGLWLGDIVYCPRHVIASNTTSAIDYDHEYSI(MSE)RLHNFSIISGTA
FLGVVGAT(MSE)HGVTLKIKVSQTN(MSE)HTPRHSFRTLKSGEGFNILACYDGCAQGVFGVN(MSE)RTNWTIRGSFI
NGACGSPGYNLKNGEVEFVY(MSE)HQIELGSGSHVGSSFDGV(MSE)YGGFEDQPNLQVESANQ(MSE)LTVNVVAFLY
AAILNGCTWWLKGEKLFVEHYNEWAQANGFTA(MSE)NGEDAFSILAAKTGVCVERLLHAIQVLNNGFGGKQILGYSSLN
DEFSINEVVKQ(MSE)FGVN
;
_entity_poly.pdbx_strand_id   A,B
#
loop_
_chem_comp.id
_chem_comp.type
_chem_comp.name
_chem_comp.formula
DIO non-polymer '1,4-DIETHYLENE DIOXIDE' 'C4 H8 O2'
#
# COMPACT_ATOMS: atom_id res chain seq x y z
N ALA A 1 -9.76 -7.74 -12.68
CA ALA A 1 -8.29 -7.83 -12.68
C ALA A 1 -7.77 -8.91 -11.68
N GLY A 2 -7.65 -8.53 -10.40
CA GLY A 2 -7.11 -9.39 -9.35
C GLY A 2 -7.28 -8.71 -7.99
N LEU A 3 -6.75 -9.32 -6.92
CA LEU A 3 -6.79 -8.78 -5.57
C LEU A 3 -5.38 -8.42 -5.14
N ARG A 4 -5.11 -7.13 -4.86
CA ARG A 4 -3.83 -6.65 -4.34
C ARG A 4 -4.00 -5.70 -3.14
N LYS A 5 -3.08 -5.82 -2.19
CA LYS A 5 -3.14 -4.99 -1.00
C LYS A 5 -2.96 -3.53 -1.40
N MSE A 6 -3.75 -2.65 -0.81
CA MSE A 6 -3.86 -1.31 -1.32
C MSE A 6 -4.20 -0.34 -0.25
O MSE A 6 -4.86 -0.69 0.69
CB MSE A 6 -5.02 -1.30 -2.32
CG MSE A 6 -4.65 -0.83 -3.66
SE MSE A 6 -6.28 -0.61 -4.69
CE MSE A 6 -6.21 -2.36 -5.57
N ALA A 7 -3.79 0.90 -0.48
CA ALA A 7 -4.19 2.02 0.37
C ALA A 7 -5.12 2.97 -0.39
N GLN A 8 -5.92 3.74 0.36
CA GLN A 8 -6.70 4.85 -0.23
C GLN A 8 -5.75 6.04 -0.27
N PRO A 9 -5.89 6.92 -1.26
CA PRO A 9 -4.96 8.04 -1.37
C PRO A 9 -4.81 8.92 -0.09
N SER A 10 -3.64 9.56 0.02
CA SER A 10 -3.20 10.20 1.25
C SER A 10 -3.18 11.72 1.22
N GLY A 11 -3.39 12.31 0.05
CA GLY A 11 -3.35 13.75 -0.11
C GLY A 11 -4.23 14.59 0.81
N PHE A 12 -5.43 14.14 1.12
CA PHE A 12 -6.26 14.94 2.03
C PHE A 12 -5.66 14.88 3.43
N VAL A 13 -4.85 13.88 3.73
CA VAL A 13 -4.28 13.75 5.05
C VAL A 13 -2.91 14.40 5.17
N GLU A 14 -2.05 14.33 4.12
CA GLU A 14 -0.66 14.85 4.20
C GLU A 14 -0.64 16.29 4.67
N LYS A 15 -1.56 17.09 4.18
CA LYS A 15 -1.60 18.49 4.57
C LYS A 15 -1.89 18.75 6.04
N CYS A 16 -2.31 17.72 6.78
CA CYS A 16 -2.73 17.87 8.17
C CYS A 16 -1.58 17.51 9.14
N VAL A 17 -0.54 16.90 8.59
CA VAL A 17 0.60 16.47 9.36
C VAL A 17 1.60 17.58 9.72
N VAL A 18 1.95 17.69 11.01
CA VAL A 18 2.99 18.61 11.46
C VAL A 18 4.11 17.96 12.37
N ARG A 19 5.28 18.58 12.38
CA ARG A 19 6.33 18.29 13.38
C ARG A 19 5.95 18.91 14.72
N VAL A 20 5.76 18.12 15.76
CA VAL A 20 5.57 18.65 17.13
C VAL A 20 6.86 18.34 17.87
N CYS A 21 7.59 19.35 18.27
CA CYS A 21 8.73 19.19 19.12
C CYS A 21 8.50 19.80 20.51
N TYR A 22 8.88 19.06 21.54
CA TYR A 22 8.80 19.52 22.92
C TYR A 22 10.15 19.23 23.60
N GLY A 23 10.90 20.27 23.97
CA GLY A 23 12.29 20.10 24.43
C GLY A 23 13.19 19.23 23.52
N ASN A 24 13.60 18.04 24.03
CA ASN A 24 14.42 17.03 23.27
C ASN A 24 13.61 16.11 22.27
N THR A 25 12.33 15.86 22.57
CA THR A 25 11.53 14.85 21.93
C THR A 25 10.90 15.41 20.69
N VAL A 26 10.93 14.64 19.60
CA VAL A 26 10.32 15.02 18.28
C VAL A 26 9.36 13.95 17.79
N LEU A 27 8.16 14.36 17.42
CA LEU A 27 7.24 13.40 16.81
C LEU A 27 6.16 14.07 15.94
N ASN A 28 5.18 13.30 15.41
CA ASN A 28 4.21 13.92 14.50
C ASN A 28 2.97 14.39 15.17
N GLY A 29 2.32 15.36 14.56
CA GLY A 29 1.02 15.77 15.08
C GLY A 29 0.07 15.95 13.94
N LEU A 30 -1.18 16.13 14.28
CA LEU A 30 -2.21 16.16 13.31
C LEU A 30 -2.97 17.39 13.59
N TRP A 31 -2.91 18.32 12.65
CA TRP A 31 -3.44 19.65 12.83
C TRP A 31 -4.78 19.74 12.14
N LEU A 32 -5.86 19.77 12.92
CA LEU A 32 -7.20 20.01 12.38
C LEU A 32 -7.89 21.28 12.97
N GLY A 33 -8.49 22.15 12.12
CA GLY A 33 -8.95 23.44 12.61
C GLY A 33 -7.81 24.17 13.35
N ASP A 34 -8.08 24.57 14.57
CA ASP A 34 -7.03 25.21 15.39
C ASP A 34 -6.47 24.26 16.50
N ILE A 35 -6.47 22.96 16.24
CA ILE A 35 -5.98 21.97 17.21
C ILE A 35 -4.95 21.04 16.59
N VAL A 36 -3.78 20.92 17.25
CA VAL A 36 -2.81 19.90 16.89
C VAL A 36 -2.97 18.73 17.85
N TYR A 37 -3.42 17.60 17.34
CA TYR A 37 -3.41 16.33 18.09
C TYR A 37 -2.04 15.60 18.02
N CYS A 38 -1.55 15.09 19.14
CA CYS A 38 -0.30 14.31 19.17
C CYS A 38 -0.27 13.43 20.45
N PRO A 39 0.63 12.48 20.46
CA PRO A 39 0.77 11.63 21.64
C PRO A 39 1.26 12.47 22.77
N ARG A 40 0.76 12.20 24.01
CA ARG A 40 1.08 13.04 25.17
C ARG A 40 2.47 12.79 25.70
N HIS A 41 3.08 11.69 25.28
CA HIS A 41 4.44 11.38 25.67
C HIS A 41 5.51 12.36 25.09
N VAL A 42 5.12 13.25 24.17
CA VAL A 42 6.05 14.28 23.70
C VAL A 42 6.63 15.06 24.85
N ILE A 43 5.84 15.28 25.89
CA ILE A 43 6.26 16.18 26.94
C ILE A 43 6.92 15.44 28.09
N ALA A 44 6.97 14.11 28.08
CA ALA A 44 7.71 13.38 29.12
C ALA A 44 9.22 13.71 29.07
N SER A 45 9.88 13.90 30.22
CA SER A 45 11.33 14.23 30.21
C SER A 45 12.24 13.01 30.00
N ASN A 46 11.81 11.87 30.56
CA ASN A 46 12.61 10.64 30.56
C ASN A 46 11.77 9.39 30.24
N THR A 47 11.81 8.94 28.98
CA THR A 47 10.99 7.78 28.51
C THR A 47 11.58 6.44 28.91
N THR A 48 12.08 6.33 30.14
CA THR A 48 13.01 5.24 30.53
C THR A 48 12.57 4.60 31.87
N SER A 49 11.82 5.40 32.64
CA SER A 49 11.23 4.95 33.89
C SER A 49 9.69 5.13 33.85
N ALA A 50 8.97 4.58 34.83
CA ALA A 50 7.53 4.82 34.94
C ALA A 50 7.32 6.32 34.80
N ILE A 51 6.26 6.70 34.09
CA ILE A 51 6.00 8.09 33.80
C ILE A 51 4.77 8.43 34.56
N ASP A 52 4.85 9.51 35.34
CA ASP A 52 3.70 10.05 36.06
C ASP A 52 3.12 11.22 35.23
N TYR A 53 2.03 11.00 34.54
CA TYR A 53 1.58 12.00 33.53
C TYR A 53 0.88 13.18 34.12
N ASP A 54 0.08 12.93 35.14
CA ASP A 54 -0.53 14.05 35.87
C ASP A 54 0.56 15.04 36.28
N HIS A 55 1.68 14.53 36.80
CA HIS A 55 2.85 15.34 37.22
C HIS A 55 3.57 15.94 36.02
N GLU A 56 3.65 15.18 34.96
CA GLU A 56 4.31 15.61 33.73
C GLU A 56 3.55 16.75 33.05
N TYR A 57 2.22 16.77 33.21
CA TYR A 57 1.34 17.78 32.62
C TYR A 57 1.45 19.02 33.48
N SER A 58 1.48 18.79 34.78
CA SER A 58 1.65 19.82 35.76
C SER A 58 2.95 20.65 35.63
N ILE A 59 4.03 20.13 35.06
CA ILE A 59 5.27 20.92 34.92
C ILE A 59 5.57 21.29 33.47
N MSE A 60 4.60 21.03 32.62
CA MSE A 60 4.70 21.40 31.23
C MSE A 60 4.82 22.92 31.11
O MSE A 60 4.02 23.65 31.75
CB MSE A 60 3.43 20.92 30.55
CG MSE A 60 3.48 20.82 29.02
SE MSE A 60 1.59 20.90 28.38
CE MSE A 60 1.80 19.98 26.83
N ARG A 61 5.81 23.39 30.32
CA ARG A 61 5.88 24.79 29.93
C ARG A 61 5.81 24.87 28.41
N LEU A 62 4.90 25.72 27.93
CA LEU A 62 4.45 25.63 26.56
C LEU A 62 5.47 26.19 25.62
N HIS A 63 6.32 27.07 26.14
CA HIS A 63 7.34 27.71 25.29
C HIS A 63 8.33 26.62 24.83
N ASN A 64 8.28 25.44 25.42
CA ASN A 64 9.17 24.37 24.97
C ASN A 64 8.63 23.78 23.71
N PHE A 65 7.38 24.11 23.35
CA PHE A 65 6.77 23.53 22.14
C PHE A 65 7.28 24.29 20.96
N SER A 66 7.54 23.57 19.90
CA SER A 66 7.62 24.21 18.62
C SER A 66 6.91 23.26 17.70
N ILE A 67 5.98 23.79 16.89
CA ILE A 67 5.15 22.97 16.05
C ILE A 67 5.28 23.54 14.67
N ILE A 68 5.67 22.75 13.70
CA ILE A 68 5.89 23.23 12.36
C ILE A 68 5.04 22.51 11.31
N SER A 69 4.39 23.28 10.45
CA SER A 69 3.69 22.78 9.29
C SER A 69 4.41 23.27 8.07
N GLY A 70 5.09 22.34 7.40
CA GLY A 70 5.81 22.62 6.17
C GLY A 70 7.01 23.41 6.56
N THR A 71 6.95 24.70 6.28
CA THR A 71 7.99 25.63 6.69
C THR A 71 7.53 26.65 7.73
N ALA A 72 6.32 26.51 8.27
CA ALA A 72 5.70 27.57 9.06
C ALA A 72 5.55 27.24 10.55
N PHE A 73 5.77 28.21 11.43
CA PHE A 73 5.69 27.94 12.87
C PHE A 73 4.28 28.21 13.30
N LEU A 74 3.74 27.33 14.10
CA LEU A 74 2.42 27.52 14.66
C LEU A 74 2.55 27.94 16.14
N GLY A 75 1.79 28.95 16.51
CA GLY A 75 1.92 29.55 17.81
C GLY A 75 0.99 28.83 18.77
N VAL A 76 1.57 28.13 19.73
CA VAL A 76 0.82 27.42 20.73
C VAL A 76 0.28 28.41 21.75
N VAL A 77 -1.01 28.29 22.09
CA VAL A 77 -1.68 29.14 23.07
C VAL A 77 -2.28 28.36 24.25
N GLY A 78 -2.49 27.05 24.06
CA GLY A 78 -3.14 26.16 25.03
C GLY A 78 -2.86 24.68 24.72
N ALA A 79 -2.98 23.83 25.71
CA ALA A 79 -2.88 22.39 25.54
C ALA A 79 -3.60 21.76 26.67
N THR A 80 -4.36 20.72 26.39
CA THR A 80 -5.00 19.92 27.43
C THR A 80 -4.73 18.43 27.13
N MSE A 81 -4.95 17.57 28.12
CA MSE A 81 -4.56 16.18 28.02
C MSE A 81 -5.83 15.34 28.08
O MSE A 81 -6.71 15.58 28.89
CB MSE A 81 -3.59 15.82 29.16
CG MSE A 81 -2.83 14.52 28.93
SE MSE A 81 -1.72 13.98 30.42
CE MSE A 81 0.01 14.33 29.78
N HIS A 82 -5.95 14.38 27.16
CA HIS A 82 -7.18 13.58 27.06
C HIS A 82 -6.78 12.14 26.77
N GLY A 83 -6.77 11.33 27.82
CA GLY A 83 -6.31 9.97 27.76
C GLY A 83 -4.86 10.02 27.46
N VAL A 84 -4.47 9.42 26.30
CA VAL A 84 -3.04 9.27 25.92
C VAL A 84 -2.58 10.21 24.81
N THR A 85 -3.38 11.26 24.60
CA THR A 85 -3.06 12.34 23.66
C THR A 85 -3.02 13.72 24.32
N LEU A 86 -2.70 14.67 23.47
CA LEU A 86 -2.57 16.03 23.83
C LEU A 86 -3.34 16.77 22.74
N LYS A 87 -4.29 17.62 23.14
CA LYS A 87 -4.90 18.59 22.22
C LYS A 87 -4.20 19.90 22.44
N ILE A 88 -3.32 20.30 21.53
CA ILE A 88 -2.62 21.55 21.62
C ILE A 88 -3.38 22.56 20.76
N LYS A 89 -3.98 23.54 21.44
CA LYS A 89 -4.55 24.74 20.83
C LYS A 89 -3.51 25.75 20.27
N VAL A 90 -3.69 26.17 19.02
CA VAL A 90 -2.77 27.05 18.34
C VAL A 90 -3.60 28.20 17.74
N SER A 91 -2.96 29.29 17.35
CA SER A 91 -3.71 30.44 16.91
C SER A 91 -4.10 30.29 15.48
N GLN A 92 -3.25 29.58 14.71
CA GLN A 92 -3.49 29.33 13.27
C GLN A 92 -4.54 28.25 13.03
N THR A 93 -5.42 28.51 12.08
CA THR A 93 -6.35 27.54 11.59
C THR A 93 -5.88 26.90 10.28
N ASN A 94 -6.05 25.58 10.20
CA ASN A 94 -5.56 24.85 9.05
C ASN A 94 -6.60 24.96 7.96
N MSE A 95 -6.25 25.69 6.94
CA MSE A 95 -7.19 25.99 5.89
C MSE A 95 -7.31 24.84 4.91
O MSE A 95 -8.21 24.83 4.09
CB MSE A 95 -6.82 27.30 5.18
CG MSE A 95 -5.35 27.45 4.92
SE MSE A 95 -5.11 28.68 3.40
CE MSE A 95 -3.20 28.32 2.90
N HIS A 96 -6.42 23.86 5.03
CA HIS A 96 -6.52 22.56 4.34
C HIS A 96 -7.25 21.46 5.14
N THR A 97 -7.72 21.75 6.35
CA THR A 97 -8.57 20.80 7.06
C THR A 97 -9.63 20.21 6.13
N PRO A 98 -9.66 18.91 5.88
CA PRO A 98 -10.75 18.30 5.08
C PRO A 98 -12.03 18.10 5.87
N ARG A 99 -13.13 17.97 5.16
CA ARG A 99 -14.34 17.43 5.77
C ARG A 99 -13.90 16.17 6.55
N HIS A 100 -14.38 15.98 7.79
CA HIS A 100 -13.85 14.89 8.59
C HIS A 100 -14.64 14.55 9.83
N SER A 101 -14.39 13.34 10.36
CA SER A 101 -14.91 12.88 11.65
C SER A 101 -13.88 11.96 12.32
N PHE A 102 -14.22 11.48 13.50
CA PHE A 102 -13.37 10.60 14.26
C PHE A 102 -14.19 9.34 14.50
N ARG A 103 -13.63 8.16 14.25
CA ARG A 103 -14.36 6.98 14.63
C ARG A 103 -13.37 6.11 15.36
N THR A 104 -13.86 5.28 16.25
CA THR A 104 -13.08 4.27 16.95
C THR A 104 -13.19 2.92 16.18
N LEU A 105 -12.07 2.32 15.80
CA LEU A 105 -12.11 1.07 15.02
C LEU A 105 -12.52 -0.14 15.89
N LYS A 106 -13.13 -1.12 15.21
CA LYS A 106 -13.58 -2.38 15.86
C LYS A 106 -12.65 -3.47 15.42
N SER A 107 -12.68 -4.62 16.10
CA SER A 107 -11.91 -5.79 15.67
C SER A 107 -12.11 -5.99 14.15
N GLY A 108 -10.99 -6.07 13.44
CA GLY A 108 -10.98 -6.41 12.02
C GLY A 108 -11.41 -5.36 10.98
N GLU A 109 -11.54 -4.09 11.39
CA GLU A 109 -11.84 -3.06 10.43
C GLU A 109 -10.48 -2.71 9.80
N GLY A 110 -10.50 -2.54 8.49
CA GLY A 110 -9.33 -2.14 7.73
C GLY A 110 -9.19 -0.61 7.74
N PHE A 111 -7.97 -0.13 7.70
CA PHE A 111 -7.77 1.31 7.58
C PHE A 111 -6.45 1.60 6.84
N ASN A 112 -6.13 2.88 6.75
CA ASN A 112 -4.88 3.29 6.15
C ASN A 112 -3.90 3.94 7.16
N ILE A 113 -2.60 3.74 7.00
CA ILE A 113 -1.68 4.40 7.82
C ILE A 113 -0.86 5.27 6.94
N LEU A 114 -0.63 6.50 7.38
CA LEU A 114 0.30 7.37 6.70
C LEU A 114 1.50 7.53 7.61
N ALA A 115 2.58 6.86 7.22
CA ALA A 115 3.75 6.79 8.05
C ALA A 115 4.57 8.06 7.87
N CYS A 116 4.76 8.78 8.98
CA CYS A 116 5.39 10.07 8.97
C CYS A 116 6.59 10.09 9.91
N TYR A 117 7.63 10.87 9.52
CA TYR A 117 8.80 11.04 10.35
C TYR A 117 9.13 12.43 10.86
N ASP A 118 9.37 13.43 10.08
CA ASP A 118 9.83 14.65 10.81
C ASP A 118 8.72 15.66 10.62
N GLY A 119 7.51 15.18 10.86
CA GLY A 119 6.33 15.85 10.33
C GLY A 119 6.05 15.69 8.83
N CYS A 120 6.69 14.72 8.14
CA CYS A 120 6.46 14.51 6.68
C CYS A 120 6.14 13.09 6.35
N ALA A 121 5.07 12.92 5.55
CA ALA A 121 4.62 11.61 5.04
C ALA A 121 5.75 10.99 4.23
N GLN A 122 6.12 9.75 4.60
CA GLN A 122 7.16 8.94 3.94
C GLN A 122 6.62 7.68 3.28
N GLY A 123 5.50 7.15 3.80
CA GLY A 123 4.87 5.99 3.19
C GLY A 123 3.42 5.80 3.56
N VAL A 124 2.69 4.99 2.81
CA VAL A 124 1.29 4.74 3.15
C VAL A 124 0.87 3.30 2.82
N PHE A 125 0.12 2.70 3.73
CA PHE A 125 -0.24 1.29 3.61
C PHE A 125 -1.53 0.93 4.37
N GLY A 126 -2.21 -0.12 3.87
CA GLY A 126 -3.48 -0.56 4.42
C GLY A 126 -3.12 -1.54 5.51
N VAL A 127 -3.78 -1.49 6.63
CA VAL A 127 -3.63 -2.46 7.66
C VAL A 127 -5.03 -2.75 8.17
N ASN A 128 -5.18 -3.89 8.79
CA ASN A 128 -6.35 -4.18 9.60
C ASN A 128 -6.03 -3.99 11.09
N MSE A 129 -7.02 -3.52 11.85
CA MSE A 129 -6.95 -3.59 13.29
C MSE A 129 -7.26 -5.02 13.72
O MSE A 129 -8.36 -5.61 13.46
CB MSE A 129 -7.98 -2.65 13.92
CG MSE A 129 -8.08 -2.80 15.44
SE MSE A 129 -6.44 -2.20 16.35
CE MSE A 129 -6.40 -0.27 15.85
N ARG A 130 -6.28 -5.60 14.42
CA ARG A 130 -6.30 -7.00 14.74
C ARG A 130 -7.15 -7.26 16.01
N THR A 131 -7.61 -8.50 16.11
CA THR A 131 -8.31 -9.06 17.26
C THR A 131 -7.69 -8.77 18.65
N ASN A 132 -6.34 -8.72 18.72
CA ASN A 132 -5.59 -8.39 19.92
C ASN A 132 -5.24 -6.89 19.97
N TRP A 133 -5.93 -6.08 19.16
CA TRP A 133 -5.82 -4.61 19.21
C TRP A 133 -4.45 -4.04 18.84
N THR A 134 -3.72 -4.75 17.98
CA THR A 134 -2.45 -4.28 17.47
C THR A 134 -2.48 -4.29 15.97
N ILE A 135 -1.45 -3.73 15.35
CA ILE A 135 -1.28 -3.95 13.92
C ILE A 135 0.12 -4.44 13.65
N ARG A 136 0.31 -5.15 12.55
CA ARG A 136 1.65 -5.32 12.00
C ARG A 136 1.90 -4.13 11.06
N GLY A 137 2.50 -3.09 11.59
CA GLY A 137 2.98 -2.02 10.74
C GLY A 137 4.47 -2.19 10.45
N SER A 138 5.03 -1.10 9.97
CA SER A 138 6.47 -0.99 9.82
C SER A 138 6.78 0.44 10.16
N PHE A 139 7.38 0.64 11.32
CA PHE A 139 7.76 1.94 11.82
C PHE A 139 9.17 1.87 12.44
N ILE A 140 9.86 2.99 12.46
CA ILE A 140 11.00 3.08 13.37
C ILE A 140 10.86 4.33 14.27
N ASN A 141 11.98 4.81 14.75
CA ASN A 141 12.01 5.91 15.67
C ASN A 141 11.51 7.20 15.03
N GLY A 142 10.54 7.83 15.70
CA GLY A 142 9.88 9.04 15.21
C GLY A 142 8.57 8.86 14.43
N ALA A 143 8.06 7.62 14.29
CA ALA A 143 6.77 7.35 13.63
C ALA A 143 5.56 7.80 14.44
N CYS A 144 5.75 7.93 15.75
CA CYS A 144 4.71 8.29 16.71
C CYS A 144 3.91 9.51 16.35
N GLY A 145 2.59 9.39 16.43
CA GLY A 145 1.74 10.46 16.02
C GLY A 145 1.31 10.26 14.60
N SER A 146 1.92 9.35 13.87
CA SER A 146 1.46 9.03 12.51
C SER A 146 -0.04 8.66 12.50
N PRO A 147 -0.82 9.23 11.58
CA PRO A 147 -2.25 9.05 11.57
C PRO A 147 -2.76 7.93 10.72
N GLY A 148 -3.77 7.23 11.24
CA GLY A 148 -4.50 6.27 10.48
C GLY A 148 -5.83 6.88 10.05
N TYR A 149 -6.28 6.51 8.86
CA TYR A 149 -7.45 7.17 8.32
C TYR A 149 -8.25 6.30 7.35
N ASN A 150 -9.49 6.73 7.12
CA ASN A 150 -10.30 6.20 6.04
C ASN A 150 -10.94 7.35 5.20
N LEU A 151 -11.14 7.11 3.89
CA LEU A 151 -11.97 7.98 3.07
C LEU A 151 -13.29 7.28 2.85
N LYS A 152 -14.37 7.96 3.22
CA LYS A 152 -15.69 7.39 3.11
C LYS A 152 -16.69 8.54 3.06
N ASN A 153 -17.69 8.45 2.16
CA ASN A 153 -18.77 9.47 2.02
C ASN A 153 -18.24 10.89 1.73
N GLY A 154 -17.13 10.98 1.01
CA GLY A 154 -16.47 12.27 0.75
C GLY A 154 -15.95 13.02 1.96
N GLU A 155 -15.55 12.29 3.00
CA GLU A 155 -14.97 12.87 4.19
C GLU A 155 -13.85 11.99 4.62
N VAL A 156 -13.07 12.46 5.59
CA VAL A 156 -11.88 11.76 6.05
C VAL A 156 -12.14 11.35 7.45
N GLU A 157 -12.10 10.04 7.72
CA GLU A 157 -12.32 9.46 9.06
C GLU A 157 -10.99 9.27 9.69
N PHE A 158 -10.77 9.90 10.85
CA PHE A 158 -9.54 9.65 11.61
C PHE A 158 -9.82 8.62 12.69
N VAL A 159 -8.94 7.62 12.76
CA VAL A 159 -9.16 6.41 13.53
C VAL A 159 -7.94 5.94 14.32
N TYR A 160 -6.77 6.43 13.96
CA TYR A 160 -5.59 5.83 14.56
C TYR A 160 -4.53 6.90 14.69
N MSE A 161 -3.88 6.93 15.82
CA MSE A 161 -2.69 7.72 15.96
C MSE A 161 -1.60 6.88 16.62
O MSE A 161 -1.80 6.23 17.62
CB MSE A 161 -3.00 8.98 16.73
CG MSE A 161 -1.90 9.41 17.62
SE MSE A 161 -2.20 11.22 18.33
CE MSE A 161 -1.94 12.28 16.52
N HIS A 162 -0.43 6.84 16.02
CA HIS A 162 0.53 5.85 16.43
C HIS A 162 1.18 6.14 17.76
N GLN A 163 1.26 5.15 18.64
CA GLN A 163 1.79 5.41 19.97
C GLN A 163 3.05 4.60 20.34
N ILE A 164 3.01 3.27 20.31
CA ILE A 164 4.13 2.47 20.79
C ILE A 164 4.42 1.20 19.99
N GLU A 165 5.60 0.66 20.26
CA GLU A 165 5.94 -0.66 19.74
C GLU A 165 6.11 -1.63 20.90
N LEU A 166 5.56 -2.82 20.80
CA LEU A 166 5.73 -3.73 21.90
C LEU A 166 6.98 -4.60 21.70
N GLY A 167 7.38 -5.35 22.72
CA GLY A 167 8.47 -6.29 22.61
C GLY A 167 8.40 -7.13 21.33
N SER A 168 7.21 -7.62 21.01
CA SER A 168 6.92 -8.45 19.82
C SER A 168 7.23 -7.88 18.43
N GLY A 169 7.21 -6.55 18.30
CA GLY A 169 7.21 -5.93 16.99
C GLY A 169 5.84 -5.41 16.61
N SER A 170 4.82 -5.77 17.36
CA SER A 170 3.48 -5.31 17.07
C SER A 170 3.32 -3.88 17.55
N HIS A 171 2.42 -3.17 16.86
CA HIS A 171 2.25 -1.75 17.03
C HIS A 171 0.87 -1.41 17.61
N VAL A 172 0.80 -0.28 18.31
CA VAL A 172 -0.45 0.12 18.93
C VAL A 172 -0.58 1.63 18.91
N GLY A 173 -1.80 2.09 18.61
CA GLY A 173 -2.08 3.51 18.54
C GLY A 173 -3.28 3.74 19.39
N SER A 174 -3.73 4.98 19.41
CA SER A 174 -4.95 5.33 20.11
C SER A 174 -5.90 6.00 19.11
N SER A 175 -7.15 6.20 19.51
CA SER A 175 -8.13 6.91 18.70
C SER A 175 -7.94 8.34 19.04
N PHE A 176 -8.64 9.24 18.37
CA PHE A 176 -8.34 10.66 18.59
C PHE A 176 -8.97 11.23 19.89
N ASP A 177 -9.82 10.46 20.56
CA ASP A 177 -10.27 10.77 21.91
C ASP A 177 -9.33 10.30 23.02
N GLY A 178 -8.19 9.71 22.69
CA GLY A 178 -7.21 9.41 23.70
C GLY A 178 -7.28 8.02 24.30
N VAL A 179 -8.13 7.17 23.76
CA VAL A 179 -8.16 5.79 24.19
C VAL A 179 -7.20 4.92 23.39
N MSE A 180 -6.23 4.33 24.07
CA MSE A 180 -5.39 3.33 23.44
C MSE A 180 -6.29 2.17 23.04
O MSE A 180 -7.12 1.72 23.80
CB MSE A 180 -4.31 2.89 24.42
CG MSE A 180 -3.10 2.24 23.71
SE MSE A 180 -1.87 3.52 22.76
CE MSE A 180 -0.71 4.04 24.28
N TYR A 181 -6.13 1.69 21.81
CA TYR A 181 -6.68 0.40 21.49
C TYR A 181 -6.02 -0.64 22.42
N GLY A 182 -6.86 -1.57 22.89
CA GLY A 182 -6.43 -2.71 23.66
C GLY A 182 -6.09 -2.36 25.07
N GLY A 183 -6.27 -1.09 25.51
CA GLY A 183 -6.00 -0.69 26.89
C GLY A 183 -4.50 -0.66 27.22
N PHE A 184 -3.64 -0.66 26.20
CA PHE A 184 -2.22 -0.60 26.44
C PHE A 184 -1.81 0.72 27.00
N GLU A 185 -0.66 0.76 27.66
CA GLU A 185 -0.21 1.97 28.33
C GLU A 185 0.90 2.69 27.57
N ASP A 186 0.96 4.02 27.67
CA ASP A 186 2.14 4.71 27.12
C ASP A 186 3.29 4.79 28.13
N GLN A 187 3.72 3.63 28.56
CA GLN A 187 4.78 3.48 29.54
C GLN A 187 5.85 2.60 28.87
N PRO A 188 7.10 2.69 29.34
CA PRO A 188 8.21 1.97 28.71
C PRO A 188 8.38 0.52 29.22
N ASN A 189 7.49 -0.02 30.09
CA ASN A 189 7.59 -1.44 30.53
C ASN A 189 7.13 -2.41 29.48
N LEU A 190 7.39 -3.69 29.76
CA LEU A 190 6.99 -4.78 28.89
C LEU A 190 5.49 -5.07 29.02
N GLN A 191 4.79 -5.04 27.89
CA GLN A 191 3.38 -5.39 27.80
C GLN A 191 3.21 -6.45 26.71
N VAL A 192 2.42 -7.46 27.02
CA VAL A 192 2.31 -8.58 26.15
C VAL A 192 0.85 -8.67 25.67
N GLU A 193 0.66 -8.69 24.35
CA GLU A 193 -0.69 -8.72 23.77
C GLU A 193 -1.36 -10.09 23.97
N SER A 194 -2.69 -10.10 23.92
CA SER A 194 -3.43 -11.37 23.80
C SER A 194 -2.97 -11.97 22.43
N ALA A 195 -2.97 -13.29 22.27
CA ALA A 195 -2.54 -13.87 20.99
C ALA A 195 -3.44 -13.46 19.78
N ASN A 196 -2.83 -13.33 18.61
CA ASN A 196 -3.59 -13.02 17.40
C ASN A 196 -4.54 -14.17 17.02
N GLN A 197 -5.72 -13.83 16.50
CA GLN A 197 -6.59 -14.81 15.89
C GLN A 197 -6.78 -14.39 14.43
N MSE A 198 -6.65 -15.33 13.50
CA MSE A 198 -7.04 -15.08 12.12
C MSE A 198 -8.52 -14.68 12.04
O MSE A 198 -9.38 -15.30 12.70
CB MSE A 198 -6.82 -16.32 11.26
CG MSE A 198 -5.39 -16.63 11.02
SE MSE A 198 -5.02 -16.61 9.14
CE MSE A 198 -6.31 -17.80 8.49
N LEU A 199 -8.81 -13.66 11.24
CA LEU A 199 -10.19 -13.23 11.03
C LEU A 199 -10.86 -14.06 9.96
N THR A 200 -11.80 -14.90 10.39
CA THR A 200 -12.50 -15.80 9.51
C THR A 200 -13.19 -14.99 8.47
N VAL A 201 -13.91 -13.98 8.92
CA VAL A 201 -14.68 -13.17 8.00
C VAL A 201 -13.86 -12.76 6.77
N ASN A 202 -12.60 -12.35 6.97
CA ASN A 202 -11.73 -11.94 5.82
C ASN A 202 -11.16 -13.10 4.97
N VAL A 203 -10.86 -14.20 5.60
CA VAL A 203 -10.46 -15.38 4.85
C VAL A 203 -11.62 -15.80 3.96
N VAL A 204 -12.84 -15.76 4.47
CA VAL A 204 -14.00 -15.99 3.58
C VAL A 204 -14.03 -15.07 2.37
N ALA A 205 -13.97 -13.78 2.64
CA ALA A 205 -14.10 -12.79 1.58
C ALA A 205 -13.10 -13.09 0.55
N PHE A 206 -11.92 -13.48 1.04
CA PHE A 206 -10.75 -13.74 0.20
C PHE A 206 -10.96 -14.94 -0.68
N LEU A 207 -11.53 -16.00 -0.12
CA LEU A 207 -11.95 -17.15 -0.94
C LEU A 207 -13.02 -16.74 -1.99
N TYR A 208 -13.96 -15.88 -1.60
CA TYR A 208 -14.91 -15.46 -2.60
C TYR A 208 -14.22 -14.63 -3.71
N ALA A 209 -13.26 -13.80 -3.32
CA ALA A 209 -12.52 -13.03 -4.31
C ALA A 209 -11.85 -14.02 -5.21
N ALA A 210 -11.38 -15.11 -4.62
CA ALA A 210 -10.81 -16.19 -5.39
C ALA A 210 -11.85 -16.75 -6.34
N ILE A 211 -13.02 -17.14 -5.84
CA ILE A 211 -13.99 -17.65 -6.77
C ILE A 211 -14.32 -16.63 -7.87
N LEU A 212 -14.36 -15.34 -7.55
CA LEU A 212 -14.82 -14.37 -8.58
C LEU A 212 -13.79 -14.33 -9.68
N ASN A 213 -12.55 -14.57 -9.28
CA ASN A 213 -11.46 -14.72 -10.22
C ASN A 213 -11.45 -16.18 -10.59
N GLY A 214 -10.41 -16.66 -11.26
CA GLY A 214 -10.47 -18.03 -11.80
C GLY A 214 -10.15 -19.21 -10.88
N CYS A 215 -10.03 -18.95 -9.58
CA CYS A 215 -9.37 -19.87 -8.65
C CYS A 215 -10.33 -20.79 -7.87
N THR A 216 -10.42 -22.07 -8.25
CA THR A 216 -11.45 -22.97 -7.70
C THR A 216 -10.95 -24.31 -7.22
N TRP A 217 -9.75 -24.70 -7.65
CA TRP A 217 -9.18 -26.00 -7.33
C TRP A 217 -9.39 -26.46 -5.86
N TRP A 218 -9.36 -25.51 -4.94
CA TRP A 218 -9.46 -25.79 -3.48
C TRP A 218 -10.91 -25.97 -3.04
N LEU A 219 -11.79 -25.84 -4.01
CA LEU A 219 -13.19 -25.71 -3.72
C LEU A 219 -13.90 -27.05 -3.92
N LYS A 220 -14.27 -27.65 -2.78
CA LYS A 220 -14.96 -28.93 -2.78
C LYS A 220 -16.43 -28.57 -2.69
N GLY A 221 -17.27 -29.59 -2.53
CA GLY A 221 -18.70 -29.41 -2.43
C GLY A 221 -19.19 -29.86 -1.09
N GLU A 222 -18.29 -30.32 -0.23
CA GLU A 222 -18.69 -30.74 1.13
C GLU A 222 -18.89 -29.49 2.03
N LYS A 223 -20.00 -29.46 2.77
CA LYS A 223 -20.36 -28.33 3.65
C LYS A 223 -19.80 -28.51 5.08
N LEU A 224 -19.87 -27.48 5.91
CA LEU A 224 -19.40 -27.50 7.30
C LEU A 224 -20.15 -26.47 8.09
N PHE A 225 -21.15 -26.89 8.85
CA PHE A 225 -22.11 -25.93 9.38
C PHE A 225 -21.47 -25.02 10.42
N VAL A 226 -21.98 -23.79 10.48
CA VAL A 226 -21.35 -22.71 11.24
C VAL A 226 -20.91 -23.11 12.65
N GLU A 227 -21.73 -23.87 13.34
CA GLU A 227 -21.52 -24.06 14.78
C GLU A 227 -20.37 -25.05 15.00
N HIS A 228 -20.20 -25.95 14.03
CA HIS A 228 -19.07 -26.88 13.97
C HIS A 228 -17.80 -26.22 13.42
N TYR A 229 -17.95 -25.14 12.64
CA TYR A 229 -16.80 -24.32 12.22
C TYR A 229 -16.27 -23.58 13.41
N ASN A 230 -17.18 -23.03 14.22
CA ASN A 230 -16.80 -22.28 15.41
C ASN A 230 -16.09 -23.15 16.48
N GLU A 231 -16.71 -24.27 16.82
CA GLU A 231 -16.06 -25.26 17.66
C GLU A 231 -14.60 -25.44 17.19
N TRP A 232 -14.40 -25.74 15.91
CA TRP A 232 -13.05 -25.99 15.42
C TRP A 232 -12.14 -24.73 15.55
N ALA A 233 -12.74 -23.55 15.34
CA ALA A 233 -12.01 -22.28 15.23
C ALA A 233 -11.48 -21.82 16.59
N GLN A 234 -12.33 -21.93 17.62
CA GLN A 234 -12.02 -21.55 19.01
C GLN A 234 -10.82 -22.36 19.56
N ALA A 235 -10.39 -23.38 18.80
CA ALA A 235 -9.25 -24.23 19.13
C ALA A 235 -8.15 -24.32 18.05
N ASN A 236 -8.23 -23.57 16.95
CA ASN A 236 -7.14 -23.55 15.96
C ASN A 236 -6.65 -22.13 15.56
N GLY A 237 -7.02 -21.11 16.34
CA GLY A 237 -6.54 -19.74 16.15
C GLY A 237 -7.30 -18.89 15.15
N PHE A 238 -8.63 -19.04 15.10
CA PHE A 238 -9.54 -18.30 14.20
C PHE A 238 -10.70 -17.64 15.00
N THR A 239 -11.22 -16.53 14.48
CA THR A 239 -12.40 -15.89 15.05
C THR A 239 -13.58 -16.77 14.75
N ALA A 240 -14.59 -16.64 15.59
CA ALA A 240 -15.88 -17.24 15.32
C ALA A 240 -16.49 -16.54 14.12
N MSE A 241 -17.14 -17.34 13.28
CA MSE A 241 -17.99 -16.83 12.22
C MSE A 241 -19.30 -16.42 12.82
O MSE A 241 -20.11 -17.26 13.21
CB MSE A 241 -18.29 -17.93 11.19
CG MSE A 241 -19.31 -17.49 10.16
SE MSE A 241 -18.41 -16.31 8.87
CE MSE A 241 -18.97 -14.46 9.70
N ASN A 242 -19.52 -15.13 12.91
CA ASN A 242 -20.83 -14.70 13.36
C ASN A 242 -21.30 -13.47 12.57
N GLY A 243 -21.82 -13.73 11.39
CA GLY A 243 -22.18 -12.67 10.46
C GLY A 243 -22.45 -13.29 9.12
N GLU A 244 -22.71 -14.62 9.14
CA GLU A 244 -23.10 -15.43 7.98
C GLU A 244 -23.76 -14.53 6.94
N ASP A 245 -24.68 -13.67 7.42
CA ASP A 245 -25.50 -12.90 6.49
C ASP A 245 -24.83 -11.82 5.60
N ALA A 246 -23.63 -11.37 5.97
CA ALA A 246 -22.99 -10.26 5.26
C ALA A 246 -22.64 -10.59 3.80
N PHE A 247 -22.90 -11.83 3.36
CA PHE A 247 -22.70 -12.27 1.96
C PHE A 247 -24.01 -12.25 1.02
N SER A 248 -23.93 -11.42 -0.03
CA SER A 248 -24.69 -11.52 -1.28
C SER A 248 -23.69 -12.03 -2.36
N ILE A 249 -22.47 -12.29 -1.92
CA ILE A 249 -21.42 -12.85 -2.77
C ILE A 249 -21.70 -14.34 -2.87
N LEU A 250 -22.29 -14.85 -1.81
CA LEU A 250 -22.90 -16.18 -1.79
C LEU A 250 -23.78 -16.40 -3.01
N ALA A 251 -24.60 -15.39 -3.34
CA ALA A 251 -25.47 -15.41 -4.52
C ALA A 251 -24.79 -14.93 -5.83
N ALA A 252 -23.86 -13.98 -5.82
CA ALA A 252 -23.25 -13.59 -7.11
C ALA A 252 -22.66 -14.83 -7.77
N LYS A 253 -21.64 -15.43 -7.19
CA LYS A 253 -21.21 -16.68 -7.79
C LYS A 253 -21.81 -17.79 -6.97
N THR A 254 -23.08 -17.57 -6.67
CA THR A 254 -23.99 -18.47 -5.93
C THR A 254 -23.32 -19.77 -5.58
N GLY A 255 -23.60 -20.82 -6.37
CA GLY A 255 -23.30 -22.21 -6.03
C GLY A 255 -22.66 -22.29 -4.67
N VAL A 256 -21.68 -21.39 -4.46
CA VAL A 256 -20.86 -21.36 -3.27
C VAL A 256 -21.51 -20.65 -2.09
N CYS A 257 -21.87 -21.44 -1.08
CA CYS A 257 -22.46 -20.90 0.13
C CYS A 257 -21.34 -20.73 1.14
N VAL A 258 -21.64 -20.03 2.23
CA VAL A 258 -20.67 -19.69 3.24
C VAL A 258 -20.03 -20.95 3.84
N GLU A 259 -20.82 -22.00 3.94
CA GLU A 259 -20.41 -23.20 4.66
C GLU A 259 -19.43 -24.13 3.87
N ARG A 260 -19.32 -23.98 2.56
CA ARG A 260 -18.26 -24.64 1.81
C ARG A 260 -16.89 -23.91 1.92
N LEU A 261 -16.91 -22.60 2.13
CA LEU A 261 -15.66 -21.86 2.42
C LEU A 261 -15.19 -22.15 3.85
N LEU A 262 -16.12 -22.23 4.79
CA LEU A 262 -15.76 -22.54 6.16
C LEU A 262 -15.14 -23.91 6.25
N HIS A 263 -15.43 -24.78 5.27
CA HIS A 263 -14.81 -26.11 5.21
C HIS A 263 -13.50 -25.95 4.49
N ALA A 264 -13.52 -25.24 3.36
CA ALA A 264 -12.28 -25.04 2.63
C ALA A 264 -11.24 -24.56 3.63
N ILE A 265 -11.72 -23.81 4.64
CA ILE A 265 -10.81 -23.16 5.56
C ILE A 265 -10.12 -24.19 6.42
N GLN A 266 -10.91 -25.06 7.02
CA GLN A 266 -10.41 -26.26 7.69
C GLN A 266 -9.31 -26.98 6.90
N VAL A 267 -9.62 -27.36 5.68
CA VAL A 267 -8.66 -28.12 4.92
C VAL A 267 -7.45 -27.31 4.57
N LEU A 268 -7.63 -26.02 4.28
CA LEU A 268 -6.53 -25.24 3.74
C LEU A 268 -5.59 -24.70 4.80
N ASN A 269 -6.12 -24.51 6.00
CA ASN A 269 -5.32 -24.08 7.13
C ASN A 269 -4.03 -24.90 7.23
N ASN A 270 -4.09 -26.17 6.85
CA ASN A 270 -2.90 -27.00 7.03
C ASN A 270 -2.00 -27.16 5.78
N GLY A 271 -2.14 -26.23 4.84
CA GLY A 271 -1.16 -26.11 3.79
C GLY A 271 -1.86 -26.08 2.46
N PHE A 272 -1.26 -25.38 1.52
CA PHE A 272 -1.77 -25.33 0.16
C PHE A 272 -1.07 -26.36 -0.71
N GLY A 273 -0.03 -27.01 -0.13
CA GLY A 273 0.84 -27.94 -0.84
C GLY A 273 1.49 -27.37 -2.09
N GLY A 274 2.06 -26.18 -2.01
CA GLY A 274 2.75 -25.58 -3.15
C GLY A 274 1.87 -24.94 -4.23
N LYS A 275 0.59 -25.33 -4.28
CA LYS A 275 -0.39 -24.60 -5.09
C LYS A 275 -0.53 -23.21 -4.50
N GLN A 276 -1.23 -22.30 -5.20
CA GLN A 276 -1.53 -20.95 -4.67
C GLN A 276 -2.97 -20.46 -4.97
N ILE A 277 -3.31 -19.26 -4.48
CA ILE A 277 -4.67 -18.71 -4.57
C ILE A 277 -4.54 -17.19 -4.68
N LEU A 278 -4.77 -16.61 -5.86
CA LEU A 278 -4.59 -15.15 -6.01
C LEU A 278 -3.15 -14.77 -5.70
N GLY A 279 -2.24 -15.75 -5.76
CA GLY A 279 -0.82 -15.48 -5.67
C GLY A 279 -0.28 -15.62 -4.27
N TYR A 280 -1.12 -16.07 -3.32
CA TYR A 280 -0.74 -16.25 -1.90
C TYR A 280 -0.52 -17.74 -1.57
N SER A 281 0.27 -18.03 -0.54
CA SER A 281 0.61 -19.43 -0.28
C SER A 281 -0.05 -20.00 0.99
N SER A 282 -0.92 -19.21 1.61
CA SER A 282 -1.70 -19.70 2.75
C SER A 282 -2.87 -18.77 3.04
N LEU A 283 -3.79 -19.25 3.85
CA LEU A 283 -4.96 -18.45 4.07
C LEU A 283 -4.51 -17.04 4.42
N ASN A 284 -5.30 -16.05 3.98
CA ASN A 284 -5.01 -14.63 4.12
C ASN A 284 -6.21 -13.86 4.70
N ASP A 285 -6.00 -13.26 5.87
CA ASP A 285 -7.04 -12.44 6.51
C ASP A 285 -6.89 -10.89 6.43
N GLU A 286 -6.15 -10.42 5.43
CA GLU A 286 -5.95 -8.98 5.25
C GLU A 286 -6.98 -8.18 4.40
N PHE A 287 -7.91 -8.87 3.71
CA PHE A 287 -9.03 -8.22 3.05
C PHE A 287 -10.39 -8.48 3.66
N SER A 288 -11.06 -7.41 4.08
CA SER A 288 -12.45 -7.44 4.49
C SER A 288 -13.38 -7.56 3.27
N ILE A 289 -14.64 -7.86 3.50
CA ILE A 289 -15.70 -7.83 2.49
C ILE A 289 -15.68 -6.53 1.69
N ASN A 290 -15.77 -5.40 2.40
CA ASN A 290 -15.68 -4.08 1.78
C ASN A 290 -14.53 -3.93 0.84
N GLU A 291 -13.38 -4.35 1.31
CA GLU A 291 -12.20 -4.29 0.51
C GLU A 291 -12.33 -5.18 -0.74
N VAL A 292 -12.79 -6.41 -0.60
CA VAL A 292 -13.07 -7.26 -1.77
C VAL A 292 -14.16 -6.68 -2.72
N VAL A 293 -15.28 -6.20 -2.20
CA VAL A 293 -16.30 -5.68 -3.12
C VAL A 293 -15.82 -4.40 -3.85
N LYS A 294 -14.90 -3.68 -3.22
CA LYS A 294 -14.34 -2.49 -3.82
C LYS A 294 -13.51 -2.88 -5.02
N GLN A 295 -12.63 -3.86 -4.92
CA GLN A 295 -11.79 -4.17 -6.06
C GLN A 295 -12.46 -5.07 -7.10
N MSE A 296 -13.47 -5.86 -6.74
CA MSE A 296 -14.11 -6.68 -7.76
C MSE A 296 -15.18 -5.91 -8.53
O MSE A 296 -15.36 -6.10 -9.72
CB MSE A 296 -14.72 -7.90 -7.12
CG MSE A 296 -13.78 -8.54 -6.09
SE MSE A 296 -12.34 -9.66 -6.85
CE MSE A 296 -11.39 -8.51 -8.16
N PHE A 297 -15.88 -5.03 -7.82
CA PHE A 297 -17.07 -4.37 -8.35
C PHE A 297 -16.92 -2.85 -8.37
N GLY A 298 -15.78 -2.35 -7.97
CA GLY A 298 -15.55 -0.91 -8.03
C GLY A 298 -16.54 -0.23 -7.14
N VAL A 299 -16.92 -1.00 -6.15
CA VAL A 299 -18.08 -0.69 -5.35
C VAL A 299 -18.02 0.77 -4.83
N ASN A 300 -17.72 0.97 -3.52
CA ASN A 300 -16.87 2.06 -2.93
C ASN A 300 -17.57 2.89 -1.86
N ALA B 1 10.78 -2.32 13.90
CA ALA B 1 9.36 -2.63 13.59
C ALA B 1 9.19 -3.86 12.74
N GLY B 2 8.60 -3.74 11.56
CA GLY B 2 8.54 -4.86 10.64
C GLY B 2 8.86 -4.45 9.22
N LEU B 3 8.22 -5.12 8.26
CA LEU B 3 8.42 -4.85 6.84
C LEU B 3 7.07 -4.91 6.14
N ARG B 4 6.63 -3.77 5.64
CA ARG B 4 5.36 -3.72 4.94
C ARG B 4 5.56 -3.09 3.58
N LYS B 5 4.77 -3.51 2.59
CA LYS B 5 4.92 -2.94 1.24
C LYS B 5 4.14 -1.66 1.19
N MSE B 6 4.85 -0.59 0.88
CA MSE B 6 4.40 0.74 1.14
C MSE B 6 4.42 1.52 -0.12
O MSE B 6 5.23 1.26 -0.98
CB MSE B 6 5.38 1.39 2.09
CG MSE B 6 4.90 1.44 3.50
SE MSE B 6 6.07 2.59 4.53
CE MSE B 6 6.64 1.23 5.84
N ALA B 7 3.47 2.42 -0.27
CA ALA B 7 3.42 3.37 -1.32
C ALA B 7 3.99 4.73 -0.85
N GLN B 8 4.84 5.37 -1.65
CA GLN B 8 5.19 6.76 -1.34
C GLN B 8 3.93 7.69 -1.47
N PRO B 9 3.83 8.72 -0.62
CA PRO B 9 2.59 9.52 -0.60
C PRO B 9 2.22 9.97 -2.02
N SER B 10 0.94 10.22 -2.23
CA SER B 10 0.35 10.47 -3.52
C SER B 10 -0.04 11.93 -3.71
N GLY B 11 0.09 12.77 -2.70
CA GLY B 11 -0.53 14.10 -2.75
C GLY B 11 -0.09 15.04 -3.86
N PHE B 12 1.20 15.08 -4.11
CA PHE B 12 1.67 15.89 -5.19
C PHE B 12 1.17 15.35 -6.51
N VAL B 13 0.99 14.03 -6.64
CA VAL B 13 0.46 13.47 -7.89
C VAL B 13 -1.07 13.65 -8.11
N GLU B 14 -1.89 13.52 -7.05
CA GLU B 14 -3.38 13.61 -7.13
C GLU B 14 -3.83 14.90 -7.80
N LYS B 15 -3.10 15.98 -7.50
CA LYS B 15 -3.35 17.30 -8.09
C LYS B 15 -3.22 17.33 -9.63
N CYS B 16 -2.50 16.36 -10.21
CA CYS B 16 -2.23 16.38 -11.66
C CYS B 16 -3.22 15.59 -12.49
N VAL B 17 -4.09 14.88 -11.81
CA VAL B 17 -4.92 13.87 -12.43
C VAL B 17 -6.17 14.55 -12.98
N VAL B 18 -6.42 14.32 -14.27
CA VAL B 18 -7.62 14.82 -14.90
C VAL B 18 -8.42 13.73 -15.60
N ARG B 19 -9.66 14.07 -15.91
CA ARG B 19 -10.57 13.20 -16.64
C ARG B 19 -10.49 13.59 -18.11
N VAL B 20 -10.06 12.66 -18.95
CA VAL B 20 -10.02 12.92 -20.39
C VAL B 20 -11.14 12.21 -21.06
N CYS B 21 -11.98 12.97 -21.73
CA CYS B 21 -13.10 12.44 -22.50
C CYS B 21 -12.95 12.81 -23.97
N TYR B 22 -13.08 11.77 -24.80
CA TYR B 22 -13.18 11.92 -26.22
C TYR B 22 -14.27 11.00 -26.74
N GLY B 23 -15.30 11.60 -27.34
CA GLY B 23 -16.39 10.84 -27.94
C GLY B 23 -16.99 9.84 -26.95
N ASN B 24 -16.83 8.57 -27.25
CA ASN B 24 -17.45 7.48 -26.52
C ASN B 24 -16.52 6.77 -25.49
N THR B 25 -15.37 7.39 -25.23
CA THR B 25 -14.39 6.91 -24.26
C THR B 25 -14.12 7.93 -23.12
N VAL B 26 -14.05 7.44 -21.91
CA VAL B 26 -13.53 8.24 -20.84
C VAL B 26 -12.32 7.49 -20.25
N LEU B 27 -11.21 8.19 -19.97
CA LEU B 27 -10.12 7.61 -19.12
C LEU B 27 -9.37 8.73 -18.45
N ASN B 28 -8.15 8.44 -17.95
CA ASN B 28 -7.41 9.41 -17.14
C ASN B 28 -6.32 10.11 -17.92
N GLY B 29 -5.95 11.27 -17.41
CA GLY B 29 -4.87 12.06 -17.94
C GLY B 29 -4.09 12.65 -16.80
N LEU B 30 -2.82 12.91 -17.09
CA LEU B 30 -1.95 13.61 -16.18
C LEU B 30 -1.66 14.98 -16.76
N TRP B 31 -1.90 15.99 -15.94
CA TRP B 31 -1.72 17.37 -16.34
C TRP B 31 -0.44 18.01 -15.75
N LEU B 32 0.58 18.16 -16.59
CA LEU B 32 1.84 18.83 -16.22
C LEU B 32 2.19 20.01 -17.08
N GLY B 33 2.45 21.15 -16.44
CA GLY B 33 2.49 22.41 -17.16
C GLY B 33 1.21 22.66 -17.96
N ASP B 34 1.34 22.80 -19.27
CA ASP B 34 0.16 23.03 -20.09
C ASP B 34 -0.16 21.85 -21.02
N ILE B 35 0.27 20.67 -20.60
CA ILE B 35 -0.01 19.47 -21.32
C ILE B 35 -0.79 18.46 -20.47
N VAL B 36 -1.76 17.79 -21.07
CA VAL B 36 -2.36 16.60 -20.47
C VAL B 36 -1.89 15.36 -21.22
N TYR B 37 -1.22 14.47 -20.52
CA TYR B 37 -0.78 13.20 -21.07
C TYR B 37 -1.82 12.13 -20.84
N CYS B 38 -2.04 11.30 -21.84
CA CYS B 38 -2.96 10.20 -21.71
C CYS B 38 -2.74 9.18 -22.82
N PRO B 39 -3.30 7.99 -22.66
CA PRO B 39 -3.18 6.96 -23.69
C PRO B 39 -3.90 7.45 -24.91
N ARG B 40 -3.35 7.11 -26.07
CA ARG B 40 -3.85 7.54 -27.34
C ARG B 40 -5.13 6.80 -27.71
N HIS B 41 -5.37 5.68 -27.04
CA HIS B 41 -6.44 4.82 -27.46
C HIS B 41 -7.76 5.49 -27.18
N VAL B 42 -7.73 6.53 -26.32
CA VAL B 42 -8.89 7.41 -26.12
C VAL B 42 -9.59 7.87 -27.42
N ILE B 43 -8.86 8.13 -28.51
CA ILE B 43 -9.52 8.67 -29.70
C ILE B 43 -9.94 7.56 -30.70
N ALA B 44 -9.76 6.31 -30.36
CA ALA B 44 -10.27 5.24 -31.21
C ALA B 44 -11.81 4.99 -31.09
N SER B 45 -12.54 5.22 -32.18
CA SER B 45 -13.99 4.97 -32.22
C SER B 45 -14.33 3.51 -31.86
N ASN B 46 -13.61 2.60 -32.53
CA ASN B 46 -13.90 1.16 -32.62
C ASN B 46 -12.71 0.28 -32.19
N THR B 47 -12.78 -0.27 -30.97
CA THR B 47 -11.67 -1.02 -30.35
C THR B 47 -11.77 -2.56 -30.49
N THR B 48 -12.58 -3.02 -31.46
CA THR B 48 -12.81 -4.46 -31.65
C THR B 48 -12.08 -5.07 -32.87
N SER B 49 -11.38 -4.24 -33.63
CA SER B 49 -10.51 -4.74 -34.65
C SER B 49 -9.17 -3.95 -34.65
N ALA B 50 -8.25 -4.37 -35.51
CA ALA B 50 -6.94 -3.71 -35.58
C ALA B 50 -7.17 -2.22 -35.79
N ILE B 51 -6.37 -1.41 -35.10
CA ILE B 51 -6.51 0.03 -35.09
C ILE B 51 -5.37 0.68 -35.80
N ASP B 52 -5.70 1.53 -36.75
CA ASP B 52 -4.74 2.21 -37.61
C ASP B 52 -4.60 3.55 -36.97
N TYR B 53 -3.61 3.66 -36.09
CA TYR B 53 -3.52 4.87 -35.27
C TYR B 53 -3.18 6.14 -36.11
N ASP B 54 -2.40 6.02 -37.20
CA ASP B 54 -2.09 7.22 -38.02
C ASP B 54 -3.40 7.75 -38.55
N HIS B 55 -4.27 6.87 -39.00
CA HIS B 55 -5.54 7.28 -39.59
C HIS B 55 -6.45 7.81 -38.51
N GLU B 56 -6.60 7.11 -37.39
CA GLU B 56 -7.42 7.66 -36.30
C GLU B 56 -6.93 9.02 -35.82
N TYR B 57 -5.63 9.20 -35.86
CA TYR B 57 -5.02 10.48 -35.52
C TYR B 57 -5.41 11.55 -36.53
N SER B 58 -5.51 11.15 -37.80
CA SER B 58 -5.93 12.03 -38.92
C SER B 58 -7.35 12.63 -38.92
N ILE B 59 -8.35 11.89 -38.48
CA ILE B 59 -9.75 12.35 -38.41
C ILE B 59 -10.11 12.84 -37.00
N MSE B 60 -9.10 12.92 -36.14
CA MSE B 60 -9.27 13.48 -34.82
C MSE B 60 -9.80 14.89 -34.91
O MSE B 60 -9.28 15.72 -35.68
CB MSE B 60 -7.93 13.51 -34.10
CG MSE B 60 -8.03 13.99 -32.66
SE MSE B 60 -6.27 14.12 -31.84
CE MSE B 60 -6.64 13.38 -30.43
N ARG B 61 -10.82 15.18 -34.12
CA ARG B 61 -11.35 16.53 -34.03
C ARG B 61 -11.17 16.97 -32.56
N LEU B 62 -10.39 18.01 -32.36
CA LEU B 62 -10.10 18.51 -31.03
C LEU B 62 -11.31 18.85 -30.23
N HIS B 63 -12.40 19.24 -30.91
CA HIS B 63 -13.62 19.70 -30.24
C HIS B 63 -14.31 18.53 -29.61
N ASN B 64 -13.94 17.31 -29.97
CA ASN B 64 -14.55 16.15 -29.34
C ASN B 64 -13.92 15.95 -27.97
N PHE B 65 -12.79 16.61 -27.69
CA PHE B 65 -12.19 16.38 -26.39
C PHE B 65 -12.94 17.16 -25.34
N SER B 66 -13.06 16.52 -24.19
CA SER B 66 -13.34 17.26 -22.99
C SER B 66 -12.48 16.73 -21.82
N ILE B 67 -11.86 17.67 -21.10
CA ILE B 67 -10.86 17.37 -20.12
C ILE B 67 -11.27 18.12 -18.89
N ILE B 68 -11.28 17.44 -17.75
CA ILE B 68 -11.90 17.98 -16.56
C ILE B 68 -10.92 17.85 -15.44
N SER B 69 -10.75 18.92 -14.69
CA SER B 69 -9.91 18.86 -13.51
C SER B 69 -10.75 19.25 -12.34
N GLY B 70 -10.99 18.30 -11.44
CA GLY B 70 -11.84 18.53 -10.30
C GLY B 70 -13.19 18.95 -10.86
N THR B 71 -13.47 20.25 -10.89
CA THR B 71 -14.73 20.71 -11.47
C THR B 71 -14.59 21.60 -12.71
N ALA B 72 -13.34 21.93 -13.03
CA ALA B 72 -13.02 22.90 -14.03
C ALA B 72 -12.89 22.20 -15.38
N PHE B 73 -13.24 22.90 -16.45
CA PHE B 73 -12.98 22.37 -17.77
C PHE B 73 -11.76 23.03 -18.33
N LEU B 74 -10.93 22.28 -19.00
CA LEU B 74 -9.76 22.84 -19.62
C LEU B 74 -10.08 22.99 -21.07
N GLY B 75 -9.40 23.90 -21.73
CA GLY B 75 -9.73 24.17 -23.12
C GLY B 75 -8.62 23.59 -23.95
N VAL B 76 -9.01 22.86 -25.00
CA VAL B 76 -8.08 22.08 -25.80
C VAL B 76 -7.59 22.92 -26.96
N VAL B 77 -6.27 23.03 -27.19
CA VAL B 77 -5.75 23.85 -28.29
C VAL B 77 -4.96 23.05 -29.31
N GLY B 78 -4.40 21.90 -28.94
CA GLY B 78 -3.67 21.06 -29.89
C GLY B 78 -3.42 19.68 -29.32
N ALA B 79 -3.08 18.69 -30.14
CA ALA B 79 -2.68 17.44 -29.55
C ALA B 79 -1.82 16.68 -30.51
N THR B 80 -0.70 16.14 -30.04
CA THR B 80 0.18 15.36 -30.90
C THR B 80 0.38 14.00 -30.32
N MSE B 81 0.73 13.06 -31.20
CA MSE B 81 0.87 11.65 -30.86
C MSE B 81 2.32 11.19 -30.79
O MSE B 81 3.12 11.46 -31.67
CB MSE B 81 0.16 10.81 -31.93
CG MSE B 81 0.15 9.34 -31.63
SE MSE B 81 -1.05 8.36 -32.81
CE MSE B 81 -2.77 8.81 -32.04
N HIS B 82 2.64 10.43 -29.77
CA HIS B 82 4.01 10.02 -29.48
C HIS B 82 3.90 8.62 -29.03
N GLY B 83 4.36 7.66 -29.83
CA GLY B 83 4.23 6.28 -29.46
C GLY B 83 2.78 6.02 -29.13
N VAL B 84 2.52 5.44 -27.94
CA VAL B 84 1.18 5.04 -27.52
C VAL B 84 0.54 6.04 -26.54
N THR B 85 1.02 7.27 -26.58
CA THR B 85 0.36 8.30 -25.82
C THR B 85 0.07 9.57 -26.60
N LEU B 86 -0.65 10.46 -25.94
CA LEU B 86 -1.02 11.69 -26.56
C LEU B 86 -0.57 12.77 -25.62
N LYS B 87 0.15 13.75 -26.17
CA LYS B 87 0.37 15.02 -25.49
C LYS B 87 -0.75 15.95 -25.99
N ILE B 88 -1.63 16.31 -25.09
CA ILE B 88 -2.71 17.24 -25.37
C ILE B 88 -2.42 18.58 -24.80
N LYS B 89 -2.29 19.58 -25.66
CA LYS B 89 -2.12 20.99 -25.23
C LYS B 89 -3.41 21.70 -24.81
N VAL B 90 -3.44 22.13 -23.57
CA VAL B 90 -4.54 22.92 -23.04
C VAL B 90 -4.13 24.43 -22.82
N SER B 91 -5.09 25.29 -22.51
CA SER B 91 -4.81 26.74 -22.45
C SER B 91 -4.39 27.21 -21.04
N GLN B 92 -4.72 26.40 -20.04
CA GLN B 92 -4.35 26.68 -18.67
C GLN B 92 -3.09 25.92 -18.31
N THR B 93 -2.19 26.59 -17.59
CA THR B 93 -1.10 25.92 -16.90
C THR B 93 -1.58 25.30 -15.56
N ASN B 94 -1.11 24.10 -15.22
CA ASN B 94 -1.42 23.52 -13.91
C ASN B 94 -0.55 24.20 -12.87
N MSE B 95 -1.17 24.98 -12.00
CA MSE B 95 -0.43 25.70 -10.97
C MSE B 95 0.00 24.78 -9.86
O MSE B 95 0.71 25.17 -8.93
CB MSE B 95 -1.24 26.82 -10.36
CG MSE B 95 -1.62 27.94 -11.32
SE MSE B 95 -0.21 28.50 -12.67
CE MSE B 95 -1.51 29.64 -13.76
N HIS B 96 -0.43 23.53 -9.94
CA HIS B 96 0.02 22.58 -8.94
C HIS B 96 0.93 21.51 -9.54
N THR B 97 1.63 21.87 -10.61
CA THR B 97 2.62 21.01 -11.22
C THR B 97 3.75 20.97 -10.26
N PRO B 98 4.11 19.78 -9.86
CA PRO B 98 5.20 19.64 -8.89
C PRO B 98 6.57 19.61 -9.59
N ARG B 99 7.64 19.87 -8.90
CA ARG B 99 8.97 19.60 -9.42
C ARG B 99 8.95 18.14 -9.96
N HIS B 100 9.51 17.89 -11.13
CA HIS B 100 9.33 16.59 -11.73
C HIS B 100 10.22 16.28 -12.94
N SER B 101 10.31 14.98 -13.24
CA SER B 101 11.01 14.48 -14.40
C SER B 101 10.33 13.21 -14.86
N PHE B 102 10.87 12.69 -15.96
CA PHE B 102 10.40 11.48 -16.54
C PHE B 102 11.53 10.44 -16.53
N ARG B 103 11.22 9.24 -16.09
CA ARG B 103 12.14 8.16 -16.20
C ARG B 103 11.51 6.90 -16.76
N THR B 104 12.31 6.05 -17.39
CA THR B 104 11.82 4.76 -17.80
C THR B 104 12.38 3.64 -16.92
N LEU B 105 11.45 2.92 -16.31
CA LEU B 105 11.70 1.78 -15.42
C LEU B 105 12.49 0.69 -16.11
N LYS B 106 13.57 0.23 -15.50
CA LYS B 106 14.24 -1.02 -15.88
C LYS B 106 13.59 -2.18 -15.15
N SER B 107 13.87 -3.40 -15.62
CA SER B 107 13.63 -4.64 -14.87
C SER B 107 13.83 -4.62 -13.32
N GLY B 108 12.78 -5.00 -12.59
CA GLY B 108 12.85 -5.00 -11.13
C GLY B 108 12.72 -3.66 -10.38
N GLU B 109 12.61 -2.55 -11.10
CA GLU B 109 12.58 -1.29 -10.42
C GLU B 109 11.18 -1.11 -9.79
N GLY B 110 11.18 -0.60 -8.54
CA GLY B 110 9.98 -0.34 -7.78
C GLY B 110 9.42 1.04 -8.13
N PHE B 111 8.10 1.17 -8.14
CA PHE B 111 7.44 2.45 -8.26
C PHE B 111 6.10 2.40 -7.53
N ASN B 112 5.27 3.43 -7.72
CA ASN B 112 4.01 3.52 -7.05
C ASN B 112 2.99 3.76 -8.12
N ILE B 113 1.87 3.09 -7.94
CA ILE B 113 0.78 3.24 -8.85
C ILE B 113 -0.32 3.97 -8.13
N LEU B 114 -0.84 5.01 -8.78
CA LEU B 114 -1.96 5.75 -8.32
C LEU B 114 -3.09 5.34 -9.23
N ALA B 115 -4.05 4.56 -8.70
CA ALA B 115 -5.20 4.10 -9.47
C ALA B 115 -6.33 5.10 -9.49
N CYS B 116 -6.75 5.50 -10.68
CA CYS B 116 -7.65 6.63 -10.86
C CYS B 116 -8.86 6.25 -11.68
N TYR B 117 -10.00 6.86 -11.43
CA TYR B 117 -11.17 6.41 -12.17
C TYR B 117 -11.88 7.48 -12.95
N ASP B 118 -12.57 8.39 -12.32
CA ASP B 118 -13.25 9.35 -13.21
C ASP B 118 -12.37 10.62 -13.23
N GLY B 119 -11.07 10.46 -13.47
CA GLY B 119 -10.14 11.50 -13.13
C GLY B 119 -9.90 11.81 -11.65
N CYS B 120 -10.25 10.92 -10.72
CA CYS B 120 -9.86 11.06 -9.30
C CYS B 120 -9.26 9.77 -8.80
N ALA B 121 -8.27 9.92 -7.93
CA ALA B 121 -7.52 8.86 -7.34
C ALA B 121 -8.39 8.10 -6.34
N GLN B 122 -8.44 6.76 -6.46
CA GLN B 122 -9.20 5.88 -5.55
C GLN B 122 -8.31 4.91 -4.75
N GLY B 123 -7.10 4.63 -5.21
CA GLY B 123 -6.22 3.68 -4.53
C GLY B 123 -4.75 3.98 -4.79
N VAL B 124 -3.85 3.61 -3.91
CA VAL B 124 -2.42 3.78 -4.19
C VAL B 124 -1.58 2.62 -3.64
N PHE B 125 -0.58 2.21 -4.41
CA PHE B 125 0.20 1.05 -4.03
C PHE B 125 1.54 0.96 -4.68
N GLY B 126 2.49 0.42 -3.92
CA GLY B 126 3.85 0.18 -4.36
C GLY B 126 3.84 -1.12 -5.07
N VAL B 127 4.59 -1.22 -6.18
CA VAL B 127 4.67 -2.44 -7.00
C VAL B 127 6.01 -2.43 -7.60
N ASN B 128 6.41 -3.59 -8.08
CA ASN B 128 7.60 -3.69 -8.90
C ASN B 128 7.35 -4.02 -10.34
N MSE B 129 8.07 -3.33 -11.22
CA MSE B 129 8.03 -3.69 -12.64
C MSE B 129 8.65 -5.08 -12.81
O MSE B 129 9.85 -5.34 -12.65
CB MSE B 129 8.75 -2.68 -13.51
CG MSE B 129 8.89 -3.11 -14.96
SE MSE B 129 7.15 -3.18 -15.94
CE MSE B 129 6.72 -1.19 -16.03
N ARG B 130 7.80 -6.01 -13.07
CA ARG B 130 8.26 -7.37 -13.26
C ARG B 130 9.23 -7.52 -14.43
N THR B 131 9.94 -8.60 -14.38
CA THR B 131 10.89 -9.04 -15.37
C THR B 131 10.35 -9.26 -16.76
N ASN B 132 9.07 -9.63 -16.79
CA ASN B 132 8.34 -9.78 -18.01
C ASN B 132 7.52 -8.50 -18.36
N TRP B 133 7.95 -7.36 -17.79
CA TRP B 133 7.43 -6.01 -18.13
C TRP B 133 5.92 -5.81 -17.89
N THR B 134 5.38 -6.54 -16.92
CA THR B 134 3.98 -6.43 -16.52
C THR B 134 3.88 -6.26 -15.00
N ILE B 135 2.74 -5.79 -14.51
CA ILE B 135 2.57 -5.78 -13.07
C ILE B 135 1.26 -6.44 -12.69
N ARG B 136 1.21 -6.98 -11.47
CA ARG B 136 -0.06 -7.47 -10.92
C ARG B 136 -0.69 -6.26 -10.24
N GLY B 137 -1.36 -5.45 -11.04
CA GLY B 137 -2.13 -4.39 -10.50
C GLY B 137 -3.52 -4.91 -10.19
N SER B 138 -4.34 -4.00 -9.65
CA SER B 138 -5.73 -4.31 -9.45
C SER B 138 -6.48 -3.11 -9.91
N PHE B 139 -7.02 -3.29 -11.10
CA PHE B 139 -7.72 -2.28 -11.85
C PHE B 139 -9.08 -2.83 -12.30
N ILE B 140 -10.03 -1.95 -12.48
CA ILE B 140 -11.22 -2.31 -13.20
C ILE B 140 -11.36 -1.30 -14.32
N ASN B 141 -12.40 -1.44 -15.10
CA ASN B 141 -12.68 -0.55 -16.20
C ASN B 141 -12.43 0.89 -15.85
N GLY B 142 -11.83 1.65 -16.78
CA GLY B 142 -11.55 3.06 -16.55
C GLY B 142 -10.25 3.45 -15.82
N ALA B 143 -9.41 2.50 -15.45
CA ALA B 143 -8.11 2.82 -14.85
C ALA B 143 -7.04 3.30 -15.86
N CYS B 144 -7.34 3.22 -17.14
CA CYS B 144 -6.42 3.67 -18.15
C CYS B 144 -5.94 5.15 -17.90
N GLY B 145 -4.62 5.37 -18.08
CA GLY B 145 -4.08 6.69 -17.88
C GLY B 145 -3.56 6.95 -16.47
N SER B 146 -3.84 6.03 -15.55
CA SER B 146 -3.42 6.20 -14.17
C SER B 146 -1.91 6.27 -14.14
N PRO B 147 -1.36 7.18 -13.32
CA PRO B 147 0.08 7.35 -13.30
C PRO B 147 0.74 6.51 -12.30
N GLY B 148 1.89 6.00 -12.70
CA GLY B 148 2.84 5.36 -11.79
C GLY B 148 4.00 6.29 -11.61
N TYR B 149 4.53 6.34 -10.39
CA TYR B 149 5.58 7.34 -10.07
C TYR B 149 6.56 6.90 -8.98
N ASN B 150 7.59 7.72 -8.81
CA ASN B 150 8.42 7.72 -7.63
C ASN B 150 8.73 9.14 -7.16
N LEU B 151 8.94 9.26 -5.85
CA LEU B 151 9.51 10.45 -5.19
C LEU B 151 11.00 10.21 -4.91
N LYS B 152 11.82 11.21 -5.17
CA LYS B 152 13.26 11.09 -5.06
C LYS B 152 13.87 12.45 -5.19
N ASN B 153 14.77 12.84 -4.28
CA ASN B 153 15.60 13.99 -4.57
C ASN B 153 14.69 15.24 -4.51
N GLY B 154 13.61 15.24 -3.72
CA GLY B 154 12.62 16.32 -3.70
C GLY B 154 11.81 16.60 -4.99
N GLU B 155 11.66 15.57 -5.83
CA GLU B 155 10.96 15.66 -7.10
C GLU B 155 10.10 14.41 -7.41
N VAL B 156 9.05 14.59 -8.21
CA VAL B 156 8.31 13.45 -8.70
C VAL B 156 8.85 12.94 -10.01
N GLU B 157 9.23 11.66 -10.02
CA GLU B 157 9.54 10.92 -11.25
C GLU B 157 8.31 10.15 -11.74
N PHE B 158 7.87 10.52 -12.94
CA PHE B 158 6.74 9.90 -13.57
C PHE B 158 7.24 8.87 -14.53
N VAL B 159 6.79 7.63 -14.32
CA VAL B 159 7.38 6.46 -14.91
C VAL B 159 6.38 5.52 -15.56
N TYR B 160 5.08 5.67 -15.28
CA TYR B 160 4.08 4.69 -15.77
C TYR B 160 2.81 5.36 -16.18
N MSE B 161 2.16 4.86 -17.20
CA MSE B 161 0.82 5.33 -17.54
C MSE B 161 0.10 4.08 -17.93
O MSE B 161 0.52 3.37 -18.80
CB MSE B 161 0.84 6.32 -18.66
CG MSE B 161 -0.50 6.57 -19.38
SE MSE B 161 -0.26 7.71 -21.09
CE MSE B 161 -0.12 9.31 -20.11
N HIS B 162 -0.98 3.76 -17.24
CA HIS B 162 -1.56 2.50 -17.46
C HIS B 162 -2.28 2.43 -18.82
N GLN B 163 -2.05 1.36 -19.54
CA GLN B 163 -2.61 1.28 -20.89
C GLN B 163 -3.56 0.15 -21.17
N ILE B 164 -3.21 -1.09 -20.77
CA ILE B 164 -4.02 -2.29 -21.01
C ILE B 164 -3.90 -3.46 -20.02
N GLU B 165 -4.90 -4.33 -20.08
CA GLU B 165 -4.91 -5.57 -19.34
C GLU B 165 -4.83 -6.80 -20.28
N LEU B 166 -3.86 -7.66 -20.04
CA LEU B 166 -3.60 -8.82 -20.89
C LEU B 166 -4.59 -9.94 -20.59
N GLY B 167 -4.54 -10.99 -21.38
CA GLY B 167 -5.46 -12.14 -21.25
C GLY B 167 -5.30 -12.85 -19.95
N SER B 168 -4.07 -12.98 -19.46
CA SER B 168 -3.77 -13.49 -18.11
C SER B 168 -4.27 -12.67 -16.89
N GLY B 169 -4.65 -11.39 -17.10
CA GLY B 169 -4.97 -10.46 -16.00
C GLY B 169 -3.83 -9.48 -15.64
N SER B 170 -2.66 -9.71 -16.25
CA SER B 170 -1.55 -8.82 -15.97
C SER B 170 -1.73 -7.50 -16.74
N HIS B 171 -1.10 -6.48 -16.21
CA HIS B 171 -1.31 -5.14 -16.65
C HIS B 171 -0.05 -4.59 -17.31
N VAL B 172 -0.22 -3.70 -18.26
CA VAL B 172 0.88 -3.04 -18.93
C VAL B 172 0.56 -1.58 -19.12
N GLY B 173 1.57 -0.74 -18.95
CA GLY B 173 1.49 0.66 -19.20
C GLY B 173 2.67 1.04 -20.04
N SER B 174 2.89 2.34 -20.16
CA SER B 174 4.04 2.83 -20.88
C SER B 174 4.65 3.95 -20.13
N SER B 175 5.78 4.39 -20.68
CA SER B 175 6.53 5.54 -20.21
C SER B 175 5.82 6.79 -20.66
N PHE B 176 6.15 7.94 -20.08
CA PHE B 176 5.55 9.17 -20.61
C PHE B 176 6.12 9.61 -22.01
N ASP B 177 7.20 9.00 -22.51
CA ASP B 177 7.55 9.25 -23.92
C ASP B 177 6.78 8.43 -24.93
N GLY B 178 5.89 7.52 -24.48
CA GLY B 178 5.12 6.74 -25.43
C GLY B 178 5.55 5.32 -25.78
N VAL B 179 6.52 4.73 -25.08
CA VAL B 179 6.96 3.37 -25.32
C VAL B 179 6.29 2.42 -24.35
N MSE B 180 5.60 1.45 -24.87
CA MSE B 180 4.96 0.45 -24.05
C MSE B 180 6.05 -0.40 -23.48
O MSE B 180 6.91 -0.83 -24.19
CB MSE B 180 4.05 -0.45 -24.86
CG MSE B 180 3.12 -1.30 -24.04
SE MSE B 180 1.58 -0.22 -23.39
CE MSE B 180 0.38 -0.28 -25.02
N TYR B 181 6.02 -0.63 -22.18
CA TYR B 181 6.93 -1.57 -21.61
C TYR B 181 6.75 -2.90 -22.26
N GLY B 182 7.84 -3.62 -22.45
CA GLY B 182 7.76 -4.98 -22.99
C GLY B 182 7.39 -5.03 -24.46
N GLY B 183 7.19 -3.87 -25.08
CA GLY B 183 6.85 -3.83 -26.48
C GLY B 183 5.45 -4.31 -26.82
N PHE B 184 4.58 -4.46 -25.83
CA PHE B 184 3.19 -4.78 -26.13
C PHE B 184 2.51 -3.66 -26.87
N GLU B 185 1.44 -4.00 -27.59
CA GLU B 185 0.72 -3.06 -28.44
C GLU B 185 -0.63 -2.66 -27.87
N ASP B 186 -1.05 -1.46 -28.17
CA ASP B 186 -2.38 -1.00 -27.73
C ASP B 186 -3.42 -1.42 -28.78
N GLN B 187 -3.49 -2.73 -29.01
CA GLN B 187 -4.41 -3.37 -29.92
C GLN B 187 -5.21 -4.42 -29.10
N PRO B 188 -6.37 -4.78 -29.67
CA PRO B 188 -7.33 -5.71 -29.08
C PRO B 188 -7.00 -7.19 -29.21
N ASN B 189 -5.94 -7.54 -29.90
CA ASN B 189 -5.59 -8.94 -30.02
C ASN B 189 -4.96 -9.51 -28.75
N LEU B 190 -4.91 -10.83 -28.72
CA LEU B 190 -4.27 -11.59 -27.66
C LEU B 190 -2.78 -11.38 -27.70
N GLN B 191 -2.22 -11.09 -26.52
CA GLN B 191 -0.80 -10.98 -26.37
C GLN B 191 -0.41 -11.77 -25.12
N VAL B 192 0.72 -12.45 -25.20
CA VAL B 192 1.14 -13.33 -24.11
C VAL B 192 2.49 -12.89 -23.59
N GLU B 193 2.57 -12.67 -22.28
CA GLU B 193 3.80 -12.18 -21.67
C GLU B 193 4.88 -13.34 -21.52
N SER B 194 6.18 -13.08 -21.63
CA SER B 194 7.21 -14.06 -21.17
C SER B 194 6.89 -14.42 -19.70
N ALA B 195 7.13 -15.69 -19.35
CA ALA B 195 7.03 -16.15 -17.95
C ALA B 195 7.81 -15.27 -16.97
N ASN B 196 7.13 -14.95 -15.87
CA ASN B 196 7.70 -14.17 -14.76
C ASN B 196 8.90 -14.88 -14.07
N GLN B 197 9.86 -14.08 -13.62
CA GLN B 197 11.02 -14.56 -12.85
C GLN B 197 10.99 -13.91 -11.48
N MSE B 198 11.01 -14.70 -10.41
CA MSE B 198 11.31 -14.15 -9.09
C MSE B 198 12.63 -13.35 -9.11
O MSE B 198 13.60 -13.76 -9.72
CB MSE B 198 11.41 -15.24 -8.06
CG MSE B 198 10.09 -15.77 -7.62
SE MSE B 198 9.72 -15.15 -5.81
CE MSE B 198 10.79 -16.29 -4.78
N LEU B 199 12.63 -12.22 -8.41
CA LEU B 199 13.81 -11.34 -8.27
C LEU B 199 14.75 -11.71 -7.10
N THR B 200 15.86 -12.35 -7.42
CA THR B 200 16.83 -12.78 -6.42
C THR B 200 17.35 -11.66 -5.55
N VAL B 201 17.77 -10.57 -6.13
CA VAL B 201 18.20 -9.44 -5.32
C VAL B 201 17.21 -9.06 -4.19
N ASN B 202 15.93 -8.98 -4.53
CA ASN B 202 14.93 -8.58 -3.57
C ASN B 202 14.61 -9.63 -2.55
N VAL B 203 14.80 -10.89 -2.89
CA VAL B 203 14.58 -11.90 -1.90
C VAL B 203 15.74 -11.85 -0.90
N VAL B 204 16.93 -11.62 -1.41
CA VAL B 204 18.04 -11.48 -0.51
C VAL B 204 17.79 -10.31 0.44
N ALA B 205 17.41 -9.15 -0.08
CA ALA B 205 17.12 -8.00 0.82
C ALA B 205 16.14 -8.41 1.91
N PHE B 206 15.15 -9.21 1.53
CA PHE B 206 14.04 -9.55 2.39
C PHE B 206 14.55 -10.47 3.51
N LEU B 207 15.52 -11.32 3.21
CA LEU B 207 16.00 -12.30 4.17
C LEU B 207 16.75 -11.49 5.14
N TYR B 208 17.53 -10.57 4.62
CA TYR B 208 18.25 -9.66 5.49
C TYR B 208 17.36 -8.88 6.42
N ALA B 209 16.30 -8.30 5.88
CA ALA B 209 15.31 -7.64 6.71
C ALA B 209 14.92 -8.61 7.82
N ALA B 210 14.55 -9.81 7.39
CA ALA B 210 14.18 -10.87 8.29
C ALA B 210 15.27 -10.99 9.36
N ILE B 211 16.53 -11.13 9.00
CA ILE B 211 17.55 -11.27 10.04
C ILE B 211 17.61 -10.04 10.98
N LEU B 212 17.44 -8.84 10.41
CA LEU B 212 17.56 -7.61 11.16
C LEU B 212 16.45 -7.52 12.19
N ASN B 213 15.35 -8.19 11.91
CA ASN B 213 14.28 -8.40 12.88
C ASN B 213 14.71 -9.71 13.50
N GLY B 214 13.96 -10.26 14.41
CA GLY B 214 14.53 -11.40 15.09
C GLY B 214 14.41 -12.73 14.39
N CYS B 215 14.30 -12.76 13.07
CA CYS B 215 13.88 -13.98 12.33
C CYS B 215 15.04 -14.80 11.72
N THR B 216 15.36 -15.95 12.33
CA THR B 216 16.61 -16.65 12.02
C THR B 216 16.50 -18.14 11.76
N TRP B 217 15.35 -18.74 11.94
CA TRP B 217 15.28 -20.21 11.98
C TRP B 217 15.68 -20.93 10.72
N TRP B 218 15.60 -20.22 9.58
CA TRP B 218 15.82 -20.76 8.21
C TRP B 218 17.31 -20.64 7.87
N LEU B 219 18.02 -19.99 8.77
CA LEU B 219 19.36 -19.46 8.52
C LEU B 219 20.49 -20.40 8.97
N LYS B 220 21.04 -21.10 7.99
CA LYS B 220 22.05 -22.10 8.24
C LYS B 220 23.44 -21.44 8.13
N GLY B 221 24.48 -22.27 8.13
CA GLY B 221 25.85 -21.79 8.02
C GLY B 221 26.51 -22.10 6.68
N GLU B 222 25.95 -23.04 5.92
CA GLU B 222 26.42 -23.39 4.58
C GLU B 222 26.21 -22.28 3.54
N LYS B 223 27.23 -22.11 2.69
CA LYS B 223 27.25 -21.13 1.61
C LYS B 223 26.91 -21.80 0.26
N LEU B 224 26.34 -21.02 -0.64
CA LEU B 224 26.08 -21.42 -2.03
C LEU B 224 26.80 -20.40 -2.95
N PHE B 225 27.66 -20.87 -3.83
CA PHE B 225 28.45 -19.95 -4.63
C PHE B 225 27.56 -19.29 -5.70
N VAL B 226 27.80 -18.01 -5.93
CA VAL B 226 26.96 -17.23 -6.84
C VAL B 226 26.71 -18.07 -8.09
N GLU B 227 27.78 -18.68 -8.59
CA GLU B 227 27.76 -19.42 -9.85
C GLU B 227 26.76 -20.59 -9.84
N HIS B 228 26.76 -21.36 -8.76
CA HIS B 228 25.85 -22.51 -8.68
C HIS B 228 24.43 -22.06 -8.37
N TYR B 229 24.33 -20.89 -7.73
CA TYR B 229 23.02 -20.32 -7.47
C TYR B 229 22.40 -20.00 -8.82
N ASN B 230 23.18 -19.35 -9.71
CA ASN B 230 22.65 -18.90 -11.01
C ASN B 230 22.31 -20.05 -11.96
N GLU B 231 23.20 -21.04 -12.02
CA GLU B 231 22.86 -22.33 -12.64
C GLU B 231 21.53 -22.84 -12.09
N TRP B 232 21.34 -22.77 -10.77
CA TRP B 232 20.09 -23.19 -10.15
C TRP B 232 18.89 -22.28 -10.49
N ALA B 233 19.12 -20.96 -10.41
CA ALA B 233 18.09 -19.92 -10.68
C ALA B 233 17.52 -19.93 -12.11
N GLN B 234 18.39 -20.25 -13.08
CA GLN B 234 18.02 -20.30 -14.48
C GLN B 234 16.93 -21.33 -14.75
N ALA B 235 16.99 -22.43 -14.01
CA ALA B 235 16.05 -23.54 -14.14
C ALA B 235 14.83 -23.54 -13.20
N ASN B 236 14.84 -22.67 -12.18
CA ASN B 236 13.74 -22.65 -11.21
C ASN B 236 12.81 -21.40 -11.23
N GLY B 237 13.12 -20.43 -12.08
CA GLY B 237 12.30 -19.24 -12.22
C GLY B 237 12.77 -18.07 -11.38
N PHE B 238 14.08 -17.85 -11.33
CA PHE B 238 14.69 -16.79 -10.55
C PHE B 238 15.81 -16.08 -11.35
N THR B 239 16.06 -14.81 -11.05
CA THR B 239 17.03 -14.04 -11.80
C THR B 239 18.43 -14.39 -11.35
N ALA B 240 19.40 -14.24 -12.25
CA ALA B 240 20.79 -14.35 -11.88
C ALA B 240 21.07 -13.32 -10.78
N MSE B 241 21.86 -13.77 -9.81
CA MSE B 241 22.47 -12.92 -8.84
C MSE B 241 23.71 -12.33 -9.47
O MSE B 241 24.62 -13.05 -9.87
CB MSE B 241 22.85 -13.73 -7.61
CG MSE B 241 23.70 -12.97 -6.65
SE MSE B 241 22.71 -11.57 -5.68
CE MSE B 241 23.59 -9.99 -6.52
N ASN B 242 23.75 -11.01 -9.61
CA ASN B 242 24.88 -10.36 -10.24
C ASN B 242 24.95 -8.90 -9.81
N GLY B 243 25.57 -8.66 -8.67
CA GLY B 243 25.52 -7.35 -8.04
C GLY B 243 25.80 -7.50 -6.55
N GLU B 244 26.27 -8.71 -6.17
CA GLU B 244 26.77 -9.07 -4.83
C GLU B 244 27.20 -7.84 -4.02
N ASP B 245 27.93 -6.94 -4.69
CA ASP B 245 28.45 -5.68 -4.15
C ASP B 245 27.43 -4.78 -3.39
N ALA B 246 26.16 -4.85 -3.76
CA ALA B 246 25.18 -3.87 -3.27
C ALA B 246 24.79 -3.96 -1.78
N PHE B 247 25.38 -4.89 -1.05
CA PHE B 247 25.08 -5.11 0.38
C PHE B 247 26.19 -4.59 1.36
N SER B 248 25.82 -3.59 2.15
CA SER B 248 26.52 -3.18 3.36
C SER B 248 25.64 -3.67 4.52
N ILE B 249 24.48 -4.21 4.13
CA ILE B 249 23.61 -5.02 4.99
C ILE B 249 24.31 -6.33 5.35
N LEU B 250 25.24 -6.79 4.51
CA LEU B 250 26.10 -7.94 4.88
C LEU B 250 26.98 -7.56 6.05
N ALA B 251 27.21 -6.28 6.25
CA ALA B 251 28.02 -5.82 7.37
C ALA B 251 27.18 -5.57 8.65
N ALA B 252 25.90 -5.14 8.51
CA ALA B 252 25.10 -4.71 9.69
C ALA B 252 24.76 -5.84 10.65
N LYS B 253 24.44 -7.03 10.14
CA LYS B 253 24.47 -8.22 10.99
C LYS B 253 25.49 -9.21 10.44
N THR B 254 26.51 -8.62 9.84
CA THR B 254 27.61 -9.34 9.20
C THR B 254 27.25 -10.80 9.27
N GLY B 255 27.96 -11.54 10.12
CA GLY B 255 27.89 -12.98 10.17
C GLY B 255 27.49 -13.43 8.78
N VAL B 256 26.29 -13.00 8.38
CA VAL B 256 25.67 -13.44 7.14
C VAL B 256 26.19 -12.69 5.91
N CYS B 257 26.86 -13.48 5.06
CA CYS B 257 27.20 -13.11 3.68
C CYS B 257 26.08 -13.55 2.70
N VAL B 258 26.05 -12.89 1.53
CA VAL B 258 25.02 -13.06 0.48
C VAL B 258 24.83 -14.53 0.19
N GLU B 259 25.96 -15.20 0.13
CA GLU B 259 26.04 -16.58 -0.27
C GLU B 259 25.28 -17.55 0.67
N ARG B 260 25.02 -17.20 1.93
CA ARG B 260 24.20 -18.10 2.78
C ARG B 260 22.74 -17.88 2.52
N LEU B 261 22.41 -16.66 2.11
CA LEU B 261 21.04 -16.32 1.77
C LEU B 261 20.67 -17.07 0.53
N LEU B 262 21.56 -17.06 -0.45
CA LEU B 262 21.33 -17.84 -1.67
C LEU B 262 21.05 -19.29 -1.35
N HIS B 263 21.68 -19.81 -0.29
CA HIS B 263 21.42 -21.17 0.15
C HIS B 263 19.98 -21.26 0.56
N ALA B 264 19.64 -20.32 1.44
CA ALA B 264 18.36 -20.26 2.12
C ALA B 264 17.21 -20.24 1.13
N ILE B 265 17.44 -19.54 0.03
CA ILE B 265 16.48 -19.37 -1.03
C ILE B 265 16.22 -20.70 -1.75
N GLN B 266 17.31 -21.36 -2.10
CA GLN B 266 17.21 -22.66 -2.72
C GLN B 266 16.33 -23.56 -1.86
N VAL B 267 16.69 -23.68 -0.59
CA VAL B 267 15.96 -24.60 0.27
C VAL B 267 14.54 -24.10 0.57
N LEU B 268 14.37 -22.78 0.68
CA LEU B 268 13.07 -22.23 1.09
C LEU B 268 12.05 -22.14 -0.04
N ASN B 269 12.54 -22.17 -1.27
CA ASN B 269 11.69 -22.07 -2.46
C ASN B 269 10.63 -23.14 -2.43
N ASN B 270 10.92 -24.31 -1.87
CA ASN B 270 9.91 -25.42 -1.89
C ASN B 270 8.95 -25.45 -0.67
N GLY B 271 8.85 -24.35 0.06
CA GLY B 271 7.89 -24.23 1.14
C GLY B 271 8.52 -23.83 2.47
N PHE B 272 7.72 -23.36 3.40
CA PHE B 272 8.17 -23.04 4.76
C PHE B 272 7.72 -24.07 5.81
N GLY B 273 7.02 -25.10 5.34
CA GLY B 273 6.44 -26.07 6.22
C GLY B 273 5.67 -25.43 7.37
N GLY B 274 4.86 -24.42 7.05
CA GLY B 274 3.94 -23.84 8.04
C GLY B 274 4.47 -22.68 8.89
N LYS B 275 5.79 -22.54 8.97
CA LYS B 275 6.37 -21.44 9.72
C LYS B 275 6.15 -20.13 8.89
N GLN B 276 6.51 -18.98 9.46
CA GLN B 276 6.58 -17.74 8.68
C GLN B 276 7.86 -16.91 8.80
N ILE B 277 7.99 -15.91 7.92
CA ILE B 277 9.13 -14.99 7.91
C ILE B 277 8.61 -13.55 7.72
N LEU B 278 8.68 -12.72 8.76
CA LEU B 278 8.11 -11.37 8.73
C LEU B 278 6.62 -11.43 8.38
N GLY B 279 5.96 -12.52 8.76
CA GLY B 279 4.53 -12.65 8.53
C GLY B 279 4.15 -13.33 7.23
N TYR B 280 5.13 -13.50 6.31
CA TYR B 280 4.90 -14.01 4.96
C TYR B 280 5.07 -15.53 4.96
N SER B 281 4.37 -16.20 4.05
CA SER B 281 4.33 -17.66 4.05
C SER B 281 5.13 -18.29 2.92
N SER B 282 5.83 -17.41 2.18
CA SER B 282 6.70 -17.85 1.08
C SER B 282 7.70 -16.74 0.77
N LEU B 283 8.65 -17.01 -0.12
CA LEU B 283 9.64 -16.02 -0.46
C LEU B 283 8.98 -14.86 -1.20
N ASN B 284 9.47 -13.66 -0.96
CA ASN B 284 8.89 -12.40 -1.28
C ASN B 284 9.97 -11.52 -1.94
N ASP B 285 9.65 -11.07 -3.15
CA ASP B 285 10.56 -10.34 -4.00
C ASP B 285 10.08 -8.92 -4.23
N GLU B 286 9.36 -8.39 -3.26
CA GLU B 286 8.68 -7.10 -3.42
C GLU B 286 9.50 -5.95 -2.83
N PHE B 287 10.50 -6.29 -2.04
CA PHE B 287 11.30 -5.29 -1.37
C PHE B 287 12.69 -5.19 -1.92
N SER B 288 13.01 -4.05 -2.50
CA SER B 288 14.37 -3.80 -2.94
C SER B 288 15.30 -3.57 -1.70
N ILE B 289 16.60 -3.55 -1.96
CA ILE B 289 17.59 -3.21 -0.95
C ILE B 289 17.27 -1.89 -0.32
N ASN B 290 17.15 -0.82 -1.11
CA ASN B 290 16.88 0.51 -0.58
C ASN B 290 15.59 0.52 0.16
N GLU B 291 14.60 -0.23 -0.30
CA GLU B 291 13.35 -0.25 0.43
C GLU B 291 13.62 -0.78 1.83
N VAL B 292 14.38 -1.87 1.92
CA VAL B 292 14.66 -2.48 3.21
C VAL B 292 15.45 -1.52 4.10
N VAL B 293 16.50 -0.89 3.60
CA VAL B 293 17.23 0.01 4.50
C VAL B 293 16.37 1.26 4.78
N LYS B 294 15.40 1.58 3.96
CA LYS B 294 14.52 2.68 4.34
C LYS B 294 13.79 2.25 5.65
N GLN B 295 13.09 1.12 5.62
CA GLN B 295 12.27 0.67 6.76
C GLN B 295 13.04 0.26 8.04
N MSE B 296 14.29 -0.18 7.90
CA MSE B 296 15.09 -0.59 9.07
C MSE B 296 15.92 0.55 9.69
O MSE B 296 16.03 0.62 10.89
CB MSE B 296 16.04 -1.71 8.68
CG MSE B 296 15.47 -2.75 7.72
SE MSE B 296 14.35 -4.00 8.68
CE MSE B 296 12.56 -3.40 8.23
N PHE B 297 16.50 1.45 8.85
CA PHE B 297 17.36 2.51 9.38
C PHE B 297 16.96 3.95 8.95
N GLY B 298 15.86 4.10 8.21
CA GLY B 298 15.26 5.40 7.95
C GLY B 298 15.91 6.28 6.90
N VAL B 299 16.25 5.71 5.73
CA VAL B 299 16.85 6.47 4.61
C VAL B 299 18.09 7.29 5.07
C1 DIO C . 6.14 5.59 24.06
C2 DIO C . 8.29 6.24 24.93
C1' DIO C . 5.79 5.15 25.49
C2' DIO C . 7.81 5.76 26.32
O1 DIO C . 7.56 5.61 23.85
O1' DIO C . 6.42 5.96 26.48
C1 DIO D . -7.27 -3.12 -26.09
C2 DIO D . -8.94 -1.49 -25.48
C1' DIO D . -6.64 -2.11 -27.07
C2' DIO D . -8.29 -0.50 -26.48
O1 DIO D . -8.68 -2.85 -25.86
O1' DIO D . -6.90 -0.76 -26.66
#